data_2ORB
#
_entry.id   2ORB
#
_cell.length_a   53.593
_cell.length_b   65.462
_cell.length_c   117.689
_cell.angle_alpha   90.00
_cell.angle_beta   96.97
_cell.angle_gamma   90.00
#
_symmetry.space_group_name_H-M   'P 1 21 1'
#
loop_
_entity.id
_entity.type
_entity.pdbx_description
1 polymer 'Monoclonal anti-c-myc antibody 9E10'
2 polymer 'Monoclonal anti-c-myc antibody 9E10'
3 non-polymer 'SULFATE ION'
4 water water
#
loop_
_entity_poly.entity_id
_entity_poly.type
_entity_poly.pdbx_seq_one_letter_code
_entity_poly.pdbx_strand_id
1 'polypeptide(L)'
;DIVLTQSPASLAVSLGQRATISCRASESVDNYGFSFMNWFQQKPGQPPKLLIYAISNRGSGVPARFSGSGSGTDFSLNIH
PVEEDDPAMYFCQQTKEVPWTFGGGTKLEIKRADAAPTVSIFPPSSEQLTSGGASVVCFLNNFYPKDINVKWKIDGSERQ
NGVLNSWTDQDSKDSTYSMSSTLTLTKDEYERHNSYTCEATHKTSTSPIVKSFNRNEC
;
L,M
2 'polypeptide(L)'
;EVHLVESGGDLVKPGGSLKLSCAASGFTFSHYGMSWVRQTPDKRLEWVATIGSRGTYTHYPDSVKGRFTISRDNDKNALY
LQMNSLKSEDTAMYYCARRSEFYYYGNTYYYSAMDYWGQGASVTVSSAKTTPPSVYPLAPGSAAQTNSMVTLGCLVKGYF
PEPVTVTWNSGSLSSGVHTFPAVLQSDLYTLSSSVTVPSSTWPSETVTCNVAHPASSTKVDKKIVPRD
;
H,I
#
# COMPACT_ATOMS: atom_id res chain seq x y z
N ASP A 1 9.96 -2.25 -14.42
CA ASP A 1 8.72 -2.85 -15.01
C ASP A 1 8.97 -4.29 -15.44
N ILE A 2 8.37 -5.23 -14.72
CA ILE A 2 8.53 -6.65 -15.05
C ILE A 2 7.91 -6.93 -16.42
N VAL A 3 8.47 -7.90 -17.14
CA VAL A 3 7.95 -8.25 -18.46
C VAL A 3 7.63 -9.72 -18.55
N LEU A 4 6.41 -10.05 -18.97
CA LEU A 4 6.00 -11.44 -19.11
C LEU A 4 5.98 -11.86 -20.56
N THR A 5 6.44 -13.08 -20.81
CA THR A 5 6.50 -13.61 -22.16
C THR A 5 5.87 -14.99 -22.19
N GLN A 6 4.80 -15.13 -22.97
CA GLN A 6 4.09 -16.40 -23.07
C GLN A 6 4.45 -17.12 -24.37
N SER A 7 4.38 -18.44 -24.32
CA SER A 7 4.65 -19.26 -25.50
C SER A 7 3.92 -20.59 -25.34
N PRO A 8 3.39 -21.12 -26.45
CA PRO A 8 3.49 -20.46 -27.76
C PRO A 8 2.43 -19.38 -27.95
N ALA A 9 2.44 -18.72 -29.11
CA ALA A 9 1.45 -17.69 -29.41
C ALA A 9 0.08 -18.36 -29.56
N SER A 10 0.05 -19.45 -30.33
CA SER A 10 -1.19 -20.21 -30.56
C SER A 10 -0.92 -21.68 -30.27
N LEU A 11 -1.93 -22.39 -29.79
CA LEU A 11 -1.78 -23.80 -29.42
C LEU A 11 -2.99 -24.65 -29.81
N ALA A 12 -2.79 -25.61 -30.73
CA ALA A 12 -3.86 -26.50 -31.18
C ALA A 12 -3.69 -27.90 -30.57
N VAL A 13 -4.68 -28.34 -29.81
CA VAL A 13 -4.64 -29.63 -29.14
C VAL A 13 -5.93 -30.47 -29.27
N SER A 14 -5.76 -31.76 -29.51
CA SER A 14 -6.89 -32.68 -29.66
C SER A 14 -7.68 -32.84 -28.38
N LEU A 15 -8.95 -33.19 -28.51
CA LEU A 15 -9.82 -33.39 -27.36
C LEU A 15 -9.24 -34.47 -26.44
N GLY A 16 -9.24 -34.21 -25.14
CA GLY A 16 -8.71 -35.16 -24.18
C GLY A 16 -7.26 -34.93 -23.80
N GLN A 17 -6.45 -34.46 -24.74
CA GLN A 17 -5.04 -34.21 -24.46
C GLN A 17 -4.77 -33.29 -23.27
N ARG A 18 -3.50 -32.92 -23.16
CA ARG A 18 -2.99 -32.03 -22.13
C ARG A 18 -2.59 -30.72 -22.79
N ALA A 19 -3.01 -29.62 -22.18
CA ALA A 19 -2.68 -28.30 -22.70
C ALA A 19 -1.62 -27.68 -21.80
N THR A 20 -0.51 -27.27 -22.40
CA THR A 20 0.58 -26.64 -21.66
C THR A 20 0.97 -25.30 -22.26
N ILE A 21 0.79 -24.24 -21.47
CA ILE A 21 1.14 -22.90 -21.91
C ILE A 21 2.16 -22.36 -20.95
N SER A 22 3.18 -21.72 -21.50
CA SER A 22 4.24 -21.19 -20.67
C SER A 22 4.36 -19.67 -20.65
N CYS A 23 4.89 -19.17 -19.55
CA CYS A 23 5.08 -17.75 -19.33
C CYS A 23 6.39 -17.57 -18.55
N ARG A 24 7.23 -16.67 -19.03
CA ARG A 24 8.50 -16.42 -18.38
C ARG A 24 8.59 -14.98 -17.92
N ALA A 25 8.93 -14.78 -16.64
CA ALA A 25 9.05 -13.45 -16.06
C ALA A 25 10.49 -12.99 -16.09
N SER A 26 10.67 -11.73 -16.50
CA SER A 26 11.98 -11.10 -16.60
C SER A 26 12.56 -10.80 -15.22
N GLU A 27 11.75 -10.92 -14.17
CA GLU A 27 12.21 -10.67 -12.80
C GLU A 27 11.52 -11.59 -11.81
N SER A 28 11.99 -11.55 -10.57
CA SER A 28 11.40 -12.38 -9.52
C SER A 28 9.93 -12.01 -9.37
N VAL A 29 9.18 -12.86 -8.69
CA VAL A 29 7.76 -12.63 -8.44
C VAL A 29 7.38 -13.22 -7.09
N ASP A 30 8.19 -12.94 -6.07
CA ASP A 30 7.94 -13.43 -4.71
C ASP A 30 8.24 -12.39 -3.63
N SER A 35 5.09 -15.34 -4.56
CA SER A 35 4.70 -16.09 -5.75
C SER A 35 3.48 -15.45 -6.42
N PHE A 36 3.63 -14.19 -6.82
CA PHE A 36 2.54 -13.45 -7.44
C PHE A 36 2.35 -13.68 -8.93
N MET A 37 1.90 -14.88 -9.26
CA MET A 37 1.66 -15.30 -10.64
C MET A 37 0.25 -15.87 -10.77
N ASN A 38 -0.52 -15.33 -11.71
CA ASN A 38 -1.88 -15.77 -11.96
C ASN A 38 -2.12 -15.96 -13.45
N TRP A 39 -3.15 -16.75 -13.78
CA TRP A 39 -3.52 -17.02 -15.16
C TRP A 39 -4.99 -16.69 -15.37
N PHE A 40 -5.30 -16.11 -16.52
CA PHE A 40 -6.67 -15.75 -16.85
C PHE A 40 -7.08 -16.39 -18.17
N GLN A 41 -8.37 -16.71 -18.26
CA GLN A 41 -8.97 -17.30 -19.46
C GLN A 41 -9.98 -16.34 -20.07
N GLN A 42 -9.81 -16.01 -21.35
CA GLN A 42 -10.75 -15.10 -21.98
C GLN A 42 -11.36 -15.64 -23.27
N LYS A 43 -12.66 -15.89 -23.21
CA LYS A 43 -13.40 -16.40 -24.36
C LYS A 43 -13.99 -15.20 -25.07
N PRO A 44 -14.15 -15.29 -26.41
CA PRO A 44 -14.71 -14.22 -27.23
C PRO A 44 -15.97 -13.56 -26.66
N GLY A 45 -16.05 -12.24 -26.82
CA GLY A 45 -17.20 -11.50 -26.33
C GLY A 45 -17.28 -11.41 -24.82
N GLN A 46 -16.34 -12.06 -24.14
CA GLN A 46 -16.33 -12.04 -22.68
C GLN A 46 -15.09 -11.39 -22.10
N PRO A 47 -15.17 -10.92 -20.86
CA PRO A 47 -14.05 -10.29 -20.19
C PRO A 47 -13.19 -11.40 -19.66
N PRO A 48 -11.93 -11.11 -19.35
CA PRO A 48 -11.09 -12.19 -18.82
C PRO A 48 -11.64 -12.76 -17.53
N LYS A 49 -11.37 -14.04 -17.28
CA LYS A 49 -11.85 -14.70 -16.06
C LYS A 49 -10.66 -15.31 -15.32
N LEU A 50 -10.68 -15.21 -14.00
CA LEU A 50 -9.60 -15.74 -13.19
C LEU A 50 -9.56 -17.27 -13.16
N LEU A 51 -8.46 -17.83 -13.64
CA LEU A 51 -8.29 -19.28 -13.64
C LEU A 51 -7.52 -19.76 -12.41
N ILE A 52 -6.25 -19.35 -12.36
CA ILE A 52 -5.35 -19.73 -11.26
C ILE A 52 -4.66 -18.52 -10.65
N TYR A 53 -4.52 -18.53 -9.33
CA TYR A 53 -3.87 -17.45 -8.60
C TYR A 53 -2.79 -18.05 -7.69
N ALA A 54 -1.74 -17.27 -7.44
CA ALA A 54 -0.64 -17.73 -6.61
C ALA A 54 -0.06 -18.98 -7.29
N ILE A 55 -0.16 -18.96 -8.61
CA ILE A 55 0.30 -20.01 -9.53
C ILE A 55 -0.23 -21.43 -9.37
N SER A 56 -0.88 -21.75 -8.26
CA SER A 56 -1.37 -23.10 -8.11
C SER A 56 -2.82 -23.20 -7.67
N ASN A 57 -3.37 -22.13 -7.12
CA ASN A 57 -4.75 -22.16 -6.64
C ASN A 57 -5.76 -21.84 -7.73
N ARG A 58 -6.68 -22.77 -7.97
CA ARG A 58 -7.72 -22.59 -8.97
C ARG A 58 -8.75 -21.62 -8.43
N GLY A 59 -9.31 -20.79 -9.32
CA GLY A 59 -10.30 -19.82 -8.91
C GLY A 59 -11.59 -20.50 -8.50
N SER A 60 -12.26 -19.95 -7.48
CA SER A 60 -13.52 -20.51 -7.01
C SER A 60 -14.49 -20.66 -8.17
N GLY A 61 -14.72 -21.89 -8.60
CA GLY A 61 -15.63 -22.14 -9.71
C GLY A 61 -14.91 -22.78 -10.88
N VAL A 62 -13.57 -22.77 -10.83
CA VAL A 62 -12.78 -23.36 -11.88
C VAL A 62 -12.74 -24.88 -11.69
N PRO A 63 -12.92 -25.65 -12.77
CA PRO A 63 -12.91 -27.11 -12.71
C PRO A 63 -11.49 -27.66 -12.52
N ALA A 64 -11.40 -28.90 -12.03
CA ALA A 64 -10.12 -29.56 -11.78
C ALA A 64 -9.27 -29.69 -13.05
N ARG A 65 -9.94 -29.63 -14.19
CA ARG A 65 -9.29 -29.74 -15.49
C ARG A 65 -8.05 -28.86 -15.60
N PHE A 66 -8.08 -27.73 -14.88
CA PHE A 66 -6.97 -26.79 -14.91
C PHE A 66 -6.06 -26.85 -13.69
N SER A 67 -4.82 -26.44 -13.89
CA SER A 67 -3.83 -26.42 -12.83
C SER A 67 -2.59 -25.71 -13.35
N GLY A 68 -1.88 -25.04 -12.45
CA GLY A 68 -0.68 -24.33 -12.84
C GLY A 68 0.45 -24.75 -11.94
N SER A 69 1.68 -24.56 -12.40
CA SER A 69 2.83 -24.95 -11.61
C SER A 69 4.06 -24.14 -11.96
N GLY A 70 5.18 -24.51 -11.36
CA GLY A 70 6.43 -23.81 -11.61
C GLY A 70 6.84 -23.02 -10.40
N SER A 71 7.81 -22.15 -10.60
CA SER A 71 8.34 -21.30 -9.54
C SER A 71 9.55 -20.55 -10.06
N GLY A 72 9.91 -19.48 -9.38
CA GLY A 72 11.07 -18.72 -9.81
C GLY A 72 10.72 -17.75 -10.90
N THR A 73 11.23 -17.99 -12.09
CA THR A 73 10.96 -17.10 -13.21
C THR A 73 9.78 -17.52 -14.08
N ASP A 74 9.79 -18.75 -14.58
CA ASP A 74 8.69 -19.18 -15.43
C ASP A 74 7.77 -20.23 -14.82
N PHE A 75 6.50 -20.15 -15.22
CA PHE A 75 5.49 -21.07 -14.74
C PHE A 75 4.71 -21.54 -15.95
N SER A 76 3.68 -22.35 -15.72
CA SER A 76 2.90 -22.85 -16.83
C SER A 76 1.51 -23.31 -16.40
N LEU A 77 0.57 -23.21 -17.32
CA LEU A 77 -0.80 -23.62 -17.09
C LEU A 77 -1.01 -24.96 -17.78
N ASN A 78 -1.70 -25.86 -17.10
CA ASN A 78 -1.96 -27.16 -17.69
C ASN A 78 -3.44 -27.54 -17.62
N ILE A 79 -3.98 -27.89 -18.78
CA ILE A 79 -5.37 -28.27 -18.90
C ILE A 79 -5.37 -29.72 -19.36
N HIS A 80 -6.12 -30.55 -18.64
CA HIS A 80 -6.17 -31.97 -18.95
C HIS A 80 -7.27 -32.62 -18.11
N PRO A 81 -8.29 -33.20 -18.77
CA PRO A 81 -8.46 -33.25 -20.23
C PRO A 81 -8.90 -31.94 -20.86
N VAL A 82 -8.39 -31.67 -22.06
CA VAL A 82 -8.78 -30.47 -22.81
C VAL A 82 -10.18 -30.79 -23.36
N GLU A 83 -11.12 -29.87 -23.18
CA GLU A 83 -12.48 -30.11 -23.66
C GLU A 83 -12.92 -29.18 -24.80
N GLU A 84 -14.11 -29.45 -25.34
CA GLU A 84 -14.64 -28.68 -26.47
C GLU A 84 -14.77 -27.20 -26.14
N ASP A 85 -15.07 -26.93 -24.88
CA ASP A 85 -15.28 -25.58 -24.37
C ASP A 85 -14.02 -24.80 -23.98
N ASP A 86 -12.84 -25.34 -24.24
CA ASP A 86 -11.59 -24.67 -23.86
C ASP A 86 -10.95 -23.67 -24.81
N PRO A 87 -11.18 -23.79 -26.13
CA PRO A 87 -10.55 -22.81 -27.03
C PRO A 87 -10.76 -21.38 -26.53
N ALA A 88 -9.66 -20.64 -26.39
CA ALA A 88 -9.74 -19.28 -25.90
C ALA A 88 -8.40 -18.57 -25.89
N MET A 89 -8.37 -17.43 -25.21
CA MET A 89 -7.16 -16.64 -25.05
C MET A 89 -6.77 -16.83 -23.60
N TYR A 90 -5.51 -17.20 -23.37
CA TYR A 90 -5.00 -17.40 -22.02
C TYR A 90 -3.84 -16.44 -21.78
N PHE A 91 -3.89 -15.77 -20.62
CA PHE A 91 -2.87 -14.79 -20.24
C PHE A 91 -2.36 -15.03 -18.85
N CYS A 92 -1.08 -14.74 -18.65
CA CYS A 92 -0.50 -14.87 -17.32
C CYS A 92 -0.37 -13.43 -16.83
N GLN A 93 -0.39 -13.24 -15.51
CA GLN A 93 -0.27 -11.90 -14.95
C GLN A 93 0.64 -11.87 -13.73
N GLN A 94 1.30 -10.73 -13.58
CA GLN A 94 2.23 -10.49 -12.51
C GLN A 94 1.68 -9.40 -11.59
N THR A 95 1.52 -9.70 -10.31
CA THR A 95 1.02 -8.70 -9.37
C THR A 95 2.03 -8.40 -8.27
N LYS A 96 3.18 -9.06 -8.31
CA LYS A 96 4.22 -8.82 -7.31
C LYS A 96 4.35 -7.35 -7.01
N GLU A 97 4.49 -6.53 -8.06
CA GLU A 97 4.62 -5.10 -7.87
C GLU A 97 4.21 -4.21 -9.04
N VAL A 98 3.78 -3.00 -8.69
CA VAL A 98 3.34 -2.00 -9.65
C VAL A 98 4.46 -1.61 -10.60
N PRO A 99 4.14 -1.44 -11.90
CA PRO A 99 2.79 -1.61 -12.44
C PRO A 99 2.53 -3.06 -12.75
N TRP A 100 1.33 -3.54 -12.45
CA TRP A 100 0.99 -4.94 -12.72
C TRP A 100 0.98 -5.16 -14.23
N THR A 101 1.49 -6.32 -14.65
CA THR A 101 1.56 -6.59 -16.07
C THR A 101 1.00 -7.94 -16.50
N PHE A 102 0.68 -8.03 -17.78
CA PHE A 102 0.10 -9.22 -18.38
C PHE A 102 0.96 -9.81 -19.50
N GLY A 103 0.84 -11.12 -19.69
CA GLY A 103 1.57 -11.77 -20.77
C GLY A 103 0.90 -11.33 -22.05
N GLY A 104 1.54 -11.56 -23.19
CA GLY A 104 0.97 -11.14 -24.47
C GLY A 104 -0.30 -11.87 -24.85
N GLY A 105 -0.56 -13.00 -24.22
CA GLY A 105 -1.75 -13.76 -24.52
C GLY A 105 -1.47 -14.88 -25.49
N THR A 106 -2.11 -16.03 -25.26
CA THR A 106 -1.94 -17.18 -26.13
C THR A 106 -3.29 -17.81 -26.47
N LYS A 107 -3.52 -18.02 -27.77
CA LYS A 107 -4.76 -18.59 -28.25
C LYS A 107 -4.77 -20.11 -28.33
N LEU A 108 -5.71 -20.72 -27.61
CA LEU A 108 -5.87 -22.18 -27.62
C LEU A 108 -6.99 -22.57 -28.60
N GLU A 109 -6.64 -23.43 -29.55
CA GLU A 109 -7.56 -23.93 -30.57
C GLU A 109 -7.67 -25.45 -30.45
N ILE A 110 -8.89 -25.97 -30.50
CA ILE A 110 -9.10 -27.41 -30.43
C ILE A 110 -8.84 -27.96 -31.82
N LYS A 111 -8.52 -29.25 -31.90
CA LYS A 111 -8.27 -29.89 -33.18
C LYS A 111 -9.39 -30.92 -33.40
N ARG A 112 -9.96 -30.94 -34.60
CA ARG A 112 -11.01 -31.89 -34.92
C ARG A 112 -10.87 -32.37 -36.35
N ALA A 113 -11.82 -33.18 -36.79
CA ALA A 113 -11.77 -33.70 -38.15
C ALA A 113 -12.09 -32.59 -39.14
N ASP A 114 -11.63 -32.73 -40.37
CA ASP A 114 -11.93 -31.73 -41.38
C ASP A 114 -13.44 -31.66 -41.55
N ALA A 115 -13.93 -30.50 -41.95
CA ALA A 115 -15.34 -30.31 -42.17
C ALA A 115 -15.52 -29.30 -43.30
N ALA A 116 -16.31 -29.68 -44.30
CA ALA A 116 -16.55 -28.81 -45.44
C ALA A 116 -17.51 -27.69 -45.05
N PRO A 117 -17.29 -26.50 -45.61
CA PRO A 117 -18.19 -25.39 -45.28
C PRO A 117 -19.55 -25.52 -45.96
N THR A 118 -20.60 -25.05 -45.31
CA THR A 118 -21.90 -25.01 -45.93
C THR A 118 -21.86 -23.61 -46.56
N VAL A 119 -21.87 -23.53 -47.88
CA VAL A 119 -21.80 -22.24 -48.55
C VAL A 119 -23.12 -21.66 -49.03
N SER A 120 -23.35 -20.37 -48.77
CA SER A 120 -24.56 -19.68 -49.22
C SER A 120 -24.19 -18.33 -49.88
N ILE A 121 -24.68 -18.10 -51.09
CA ILE A 121 -24.43 -16.83 -51.79
C ILE A 121 -25.71 -16.00 -51.81
N PHE A 122 -25.57 -14.69 -51.62
CA PHE A 122 -26.72 -13.79 -51.62
C PHE A 122 -26.57 -12.61 -52.55
N PRO A 123 -27.57 -12.38 -53.40
CA PRO A 123 -27.52 -11.24 -54.33
C PRO A 123 -27.78 -9.96 -53.55
N PRO A 124 -27.43 -8.81 -54.14
CA PRO A 124 -27.66 -7.51 -53.49
C PRO A 124 -29.17 -7.36 -53.34
N SER A 125 -29.62 -6.86 -52.19
CA SER A 125 -31.04 -6.64 -51.97
C SER A 125 -31.46 -5.48 -52.85
N SER A 126 -32.75 -5.40 -53.16
CA SER A 126 -33.27 -4.32 -53.99
C SER A 126 -33.04 -2.96 -53.33
N GLU A 127 -33.11 -2.93 -52.00
CA GLU A 127 -32.90 -1.67 -51.28
C GLU A 127 -31.54 -1.06 -51.57
N GLN A 128 -30.50 -1.89 -51.51
CA GLN A 128 -29.15 -1.39 -51.75
C GLN A 128 -29.01 -0.94 -53.20
N LEU A 129 -29.63 -1.68 -54.11
CA LEU A 129 -29.58 -1.33 -55.52
C LEU A 129 -30.18 0.05 -55.80
N THR A 130 -31.26 0.36 -55.10
CA THR A 130 -31.94 1.64 -55.28
C THR A 130 -31.05 2.80 -54.86
N SER A 131 -30.08 2.53 -53.98
CA SER A 131 -29.20 3.59 -53.53
C SER A 131 -27.88 3.61 -54.27
N GLY A 132 -27.80 2.88 -55.37
CA GLY A 132 -26.59 2.88 -56.18
C GLY A 132 -25.48 1.94 -55.77
N GLY A 133 -25.72 1.12 -54.74
CA GLY A 133 -24.72 0.18 -54.28
C GLY A 133 -25.08 -1.29 -54.49
N ALA A 134 -24.06 -2.15 -54.57
CA ALA A 134 -24.30 -3.57 -54.79
C ALA A 134 -23.31 -4.49 -54.09
N SER A 135 -23.72 -5.02 -52.96
CA SER A 135 -22.89 -5.95 -52.21
C SER A 135 -23.42 -7.38 -52.39
N VAL A 136 -22.52 -8.28 -52.80
CA VAL A 136 -22.86 -9.67 -52.97
C VAL A 136 -22.23 -10.39 -51.77
N VAL A 137 -23.04 -11.13 -51.02
CA VAL A 137 -22.53 -11.78 -49.84
C VAL A 137 -22.48 -13.29 -49.94
N CYS A 138 -21.43 -13.86 -49.35
CA CYS A 138 -21.23 -15.29 -49.34
C CYS A 138 -20.80 -15.74 -47.95
N PHE A 139 -21.46 -16.77 -47.42
CA PHE A 139 -21.12 -17.30 -46.11
C PHE A 139 -20.59 -18.70 -46.23
N LEU A 140 -19.51 -18.97 -45.52
CA LEU A 140 -18.93 -20.31 -45.49
C LEU A 140 -19.01 -20.65 -44.00
N ASN A 141 -20.00 -21.46 -43.64
CA ASN A 141 -20.22 -21.83 -42.26
C ASN A 141 -19.82 -23.22 -41.83
N ASN A 142 -19.39 -23.32 -40.59
CA ASN A 142 -19.00 -24.56 -39.95
C ASN A 142 -17.96 -25.42 -40.66
N PHE A 143 -16.81 -24.85 -40.98
CA PHE A 143 -15.80 -25.66 -41.62
C PHE A 143 -14.59 -25.86 -40.69
N TYR A 144 -13.61 -26.62 -41.18
CA TYR A 144 -12.36 -26.90 -40.46
C TYR A 144 -11.38 -27.66 -41.38
N PRO A 145 -10.08 -27.30 -41.33
CA PRO A 145 -9.44 -26.27 -40.51
C PRO A 145 -9.84 -24.86 -40.92
N LYS A 146 -9.35 -23.88 -40.15
CA LYS A 146 -9.66 -22.48 -40.37
C LYS A 146 -9.15 -21.90 -41.68
N ASP A 147 -7.96 -22.30 -42.10
CA ASP A 147 -7.42 -21.76 -43.33
C ASP A 147 -8.20 -22.25 -44.52
N ILE A 148 -8.77 -21.32 -45.28
CA ILE A 148 -9.55 -21.64 -46.46
C ILE A 148 -9.57 -20.37 -47.33
N ASN A 149 -9.55 -20.54 -48.65
CA ASN A 149 -9.55 -19.39 -49.57
C ASN A 149 -10.88 -19.21 -50.30
N VAL A 150 -11.28 -17.96 -50.47
CA VAL A 150 -12.51 -17.65 -51.18
C VAL A 150 -12.16 -16.91 -52.44
N LYS A 151 -12.79 -17.28 -53.54
CA LYS A 151 -12.55 -16.62 -54.80
C LYS A 151 -13.90 -16.22 -55.41
N TRP A 152 -13.98 -14.98 -55.86
CA TRP A 152 -15.19 -14.47 -56.48
C TRP A 152 -14.99 -14.42 -58.00
N LYS A 153 -16.04 -14.70 -58.75
CA LYS A 153 -15.95 -14.65 -60.20
C LYS A 153 -17.21 -14.02 -60.77
N ILE A 154 -17.01 -13.06 -61.65
CA ILE A 154 -18.09 -12.33 -62.28
C ILE A 154 -18.08 -12.67 -63.76
N ASP A 155 -19.18 -13.23 -64.25
CA ASP A 155 -19.26 -13.63 -65.65
C ASP A 155 -18.08 -14.54 -66.01
N GLY A 156 -17.67 -15.34 -65.05
CA GLY A 156 -16.57 -16.27 -65.26
C GLY A 156 -15.17 -15.75 -64.95
N SER A 157 -15.04 -14.43 -64.81
CA SER A 157 -13.75 -13.83 -64.52
C SER A 157 -13.54 -13.42 -63.06
N GLU A 158 -12.42 -13.85 -62.50
CA GLU A 158 -12.08 -13.56 -61.12
C GLU A 158 -12.00 -12.08 -60.77
N ARG A 159 -12.63 -11.72 -59.66
CA ARG A 159 -12.65 -10.35 -59.18
C ARG A 159 -11.75 -10.28 -57.95
N GLN A 160 -10.93 -9.22 -57.87
CA GLN A 160 -10.01 -9.07 -56.75
C GLN A 160 -10.38 -7.92 -55.82
N ASN A 161 -10.82 -6.80 -56.41
CA ASN A 161 -11.17 -5.61 -55.64
C ASN A 161 -12.58 -5.55 -55.05
N GLY A 162 -12.69 -4.98 -53.86
CA GLY A 162 -13.97 -4.83 -53.21
C GLY A 162 -14.36 -6.00 -52.34
N VAL A 163 -13.40 -6.84 -51.98
CA VAL A 163 -13.67 -8.02 -51.17
C VAL A 163 -13.23 -7.90 -49.72
N LEU A 164 -14.19 -8.06 -48.81
CA LEU A 164 -13.93 -8.01 -47.37
C LEU A 164 -14.25 -9.36 -46.76
N ASN A 165 -13.28 -9.97 -46.08
CA ASN A 165 -13.51 -11.27 -45.46
C ASN A 165 -13.47 -11.16 -43.94
N SER A 166 -14.23 -12.03 -43.26
CA SER A 166 -14.24 -12.02 -41.81
C SER A 166 -14.52 -13.41 -41.22
N TRP A 167 -13.61 -13.87 -40.35
CA TRP A 167 -13.72 -15.17 -39.71
C TRP A 167 -14.24 -15.04 -38.29
N THR A 168 -15.01 -16.03 -37.85
CA THR A 168 -15.51 -16.05 -36.48
C THR A 168 -14.50 -16.84 -35.66
N ASP A 169 -14.53 -16.70 -34.35
CA ASP A 169 -13.64 -17.47 -33.49
C ASP A 169 -14.15 -18.89 -33.59
N GLN A 170 -13.37 -19.86 -33.11
CA GLN A 170 -13.78 -21.26 -33.19
C GLN A 170 -15.02 -21.53 -32.34
N ASP A 171 -15.93 -22.32 -32.91
CA ASP A 171 -17.18 -22.69 -32.26
C ASP A 171 -16.86 -23.49 -31.00
N SER A 172 -17.58 -23.22 -29.92
CA SER A 172 -17.34 -23.94 -28.67
C SER A 172 -18.28 -25.14 -28.47
N LYS A 173 -18.82 -25.65 -29.57
CA LYS A 173 -19.74 -26.80 -29.52
C LYS A 173 -19.28 -27.88 -30.49
N ASP A 174 -19.04 -27.49 -31.74
CA ASP A 174 -18.58 -28.44 -32.75
C ASP A 174 -17.17 -28.11 -33.19
N SER A 175 -16.57 -27.14 -32.52
CA SER A 175 -15.18 -26.75 -32.81
C SER A 175 -14.86 -26.34 -34.24
N THR A 176 -15.85 -25.81 -34.96
CA THR A 176 -15.65 -25.39 -36.34
C THR A 176 -15.49 -23.87 -36.44
N TYR A 177 -15.20 -23.40 -37.65
CA TYR A 177 -15.04 -21.99 -37.94
C TYR A 177 -16.12 -21.58 -38.95
N SER A 178 -16.33 -20.27 -39.11
CA SER A 178 -17.29 -19.77 -40.07
C SER A 178 -16.70 -18.52 -40.66
N MET A 179 -17.04 -18.21 -41.89
CA MET A 179 -16.46 -17.03 -42.50
C MET A 179 -17.40 -16.30 -43.45
N SER A 180 -17.20 -15.00 -43.54
CA SER A 180 -18.01 -14.15 -44.40
C SER A 180 -17.16 -13.43 -45.44
N SER A 181 -17.59 -13.48 -46.70
CA SER A 181 -16.88 -12.77 -47.76
C SER A 181 -17.87 -11.88 -48.49
N THR A 182 -17.53 -10.60 -48.60
CA THR A 182 -18.42 -9.65 -49.25
C THR A 182 -17.76 -8.93 -50.40
N LEU A 183 -18.39 -9.03 -51.57
CA LEU A 183 -17.91 -8.39 -52.78
C LEU A 183 -18.80 -7.19 -53.02
N THR A 184 -18.26 -6.00 -52.74
CA THR A 184 -19.04 -4.79 -52.94
C THR A 184 -18.69 -4.11 -54.26
N LEU A 185 -19.73 -3.92 -55.07
CA LEU A 185 -19.60 -3.29 -56.37
C LEU A 185 -20.58 -2.12 -56.41
N THR A 186 -20.59 -1.41 -57.53
CA THR A 186 -21.49 -0.29 -57.73
C THR A 186 -22.68 -0.86 -58.49
N LYS A 187 -23.88 -0.32 -58.27
CA LYS A 187 -25.05 -0.82 -58.98
C LYS A 187 -24.75 -0.99 -60.47
N ASP A 188 -24.14 0.04 -61.05
CA ASP A 188 -23.80 0.02 -62.48
C ASP A 188 -22.92 -1.16 -62.86
N GLU A 189 -21.90 -1.47 -62.06
CA GLU A 189 -21.05 -2.61 -62.38
C GLU A 189 -21.91 -3.87 -62.33
N TYR A 190 -22.68 -3.98 -61.25
CA TYR A 190 -23.54 -5.13 -61.04
C TYR A 190 -24.47 -5.38 -62.24
N GLU A 191 -25.09 -4.32 -62.74
CA GLU A 191 -26.00 -4.39 -63.86
C GLU A 191 -25.34 -4.78 -65.18
N ARG A 192 -24.01 -4.69 -65.23
CA ARG A 192 -23.30 -5.02 -66.46
C ARG A 192 -22.91 -6.47 -66.61
N HIS A 193 -23.04 -7.23 -65.53
CA HIS A 193 -22.71 -8.64 -65.55
C HIS A 193 -23.89 -9.47 -65.07
N ASN A 194 -23.89 -10.76 -65.40
CA ASN A 194 -25.00 -11.61 -65.02
C ASN A 194 -24.68 -12.72 -64.03
N SER A 195 -23.55 -13.40 -64.20
CA SER A 195 -23.22 -14.48 -63.29
C SER A 195 -22.22 -14.12 -62.19
N TYR A 196 -22.56 -14.49 -60.96
CA TYR A 196 -21.72 -14.24 -59.80
C TYR A 196 -21.45 -15.53 -59.07
N THR A 197 -20.18 -15.79 -58.79
CA THR A 197 -19.81 -17.03 -58.12
C THR A 197 -18.86 -16.86 -56.94
N CYS A 198 -19.14 -17.64 -55.91
CA CYS A 198 -18.36 -17.67 -54.69
C CYS A 198 -17.70 -19.04 -54.68
N GLU A 199 -16.38 -19.08 -54.56
CA GLU A 199 -15.65 -20.35 -54.54
C GLU A 199 -14.79 -20.53 -53.31
N ALA A 200 -15.00 -21.64 -52.64
CA ALA A 200 -14.24 -21.99 -51.44
C ALA A 200 -13.26 -23.11 -51.76
N THR A 201 -11.97 -22.80 -51.71
CA THR A 201 -10.92 -23.79 -51.97
C THR A 201 -10.16 -23.97 -50.66
N HIS A 202 -10.11 -25.21 -50.19
CA HIS A 202 -9.45 -25.54 -48.93
C HIS A 202 -8.09 -26.17 -49.15
N LYS A 203 -7.86 -27.25 -48.42
CA LYS A 203 -6.63 -28.04 -48.48
C LYS A 203 -7.02 -29.49 -48.20
N THR A 204 -8.10 -29.65 -47.43
CA THR A 204 -8.65 -30.96 -47.06
C THR A 204 -9.51 -31.48 -48.22
N SER A 205 -9.36 -30.82 -49.37
CA SER A 205 -10.08 -31.15 -50.58
C SER A 205 -9.80 -30.00 -51.56
N THR A 206 -8.75 -30.15 -52.36
CA THR A 206 -8.38 -29.13 -53.33
C THR A 206 -9.37 -29.08 -54.51
N SER A 207 -10.58 -29.58 -54.22
CA SER A 207 -11.70 -29.57 -55.17
C SER A 207 -12.63 -28.56 -54.52
N PRO A 208 -12.83 -27.41 -55.17
CA PRO A 208 -13.68 -26.32 -54.69
C PRO A 208 -15.16 -26.59 -54.53
N ILE A 209 -15.77 -25.89 -53.58
CA ILE A 209 -17.21 -25.96 -53.36
C ILE A 209 -17.65 -24.62 -53.94
N VAL A 210 -18.61 -24.64 -54.86
CA VAL A 210 -19.05 -23.38 -55.46
C VAL A 210 -20.53 -23.08 -55.28
N LYS A 211 -20.84 -21.79 -55.35
CA LYS A 211 -22.20 -21.33 -55.24
C LYS A 211 -22.30 -20.09 -56.09
N SER A 212 -23.39 -19.95 -56.84
CA SER A 212 -23.54 -18.78 -57.67
C SER A 212 -24.98 -18.53 -58.04
N PHE A 213 -25.24 -17.34 -58.59
CA PHE A 213 -26.57 -16.97 -59.04
C PHE A 213 -26.42 -16.12 -60.28
N ASN A 214 -27.52 -15.95 -61.00
CA ASN A 214 -27.57 -15.15 -62.22
C ASN A 214 -28.46 -13.95 -61.92
N ARG A 215 -27.99 -12.75 -62.25
CA ARG A 215 -28.78 -11.54 -62.02
C ARG A 215 -30.17 -11.62 -62.64
N ASN A 216 -30.30 -12.26 -63.79
CA ASN A 216 -31.60 -12.41 -64.40
C ASN A 216 -32.28 -13.65 -63.82
N GLU B 1 -24.42 -13.85 -6.29
CA GLU B 1 -23.17 -13.82 -7.11
C GLU B 1 -22.59 -12.41 -7.26
N VAL B 2 -21.27 -12.32 -7.38
CA VAL B 2 -20.63 -11.04 -7.56
C VAL B 2 -20.92 -10.51 -8.96
N HIS B 3 -21.32 -9.26 -9.04
CA HIS B 3 -21.63 -8.66 -10.32
C HIS B 3 -21.08 -7.27 -10.45
N LEU B 4 -20.53 -6.99 -11.61
CA LEU B 4 -19.97 -5.69 -11.90
C LEU B 4 -20.52 -5.29 -13.26
N VAL B 5 -21.38 -4.27 -13.28
CA VAL B 5 -21.94 -3.79 -14.54
C VAL B 5 -21.36 -2.42 -14.89
N GLU B 6 -20.81 -2.31 -16.09
CA GLU B 6 -20.21 -1.06 -16.53
C GLU B 6 -21.11 -0.33 -17.49
N SER B 7 -20.87 0.98 -17.62
CA SER B 7 -21.61 1.84 -18.53
C SER B 7 -20.81 3.11 -18.74
N GLY B 8 -21.18 3.90 -19.74
CA GLY B 8 -20.47 5.13 -20.00
C GLY B 8 -19.56 5.12 -21.23
N GLY B 9 -19.37 3.95 -21.84
CA GLY B 9 -18.51 3.84 -23.02
C GLY B 9 -18.97 4.70 -24.18
N ASP B 10 -18.04 5.14 -25.03
CA ASP B 10 -18.41 5.98 -26.17
C ASP B 10 -17.23 6.53 -27.00
N LEU B 11 -17.57 7.20 -28.09
CA LEU B 11 -16.59 7.83 -28.97
C LEU B 11 -16.38 9.25 -28.41
N VAL B 12 -15.12 9.67 -28.32
CA VAL B 12 -14.80 11.00 -27.81
C VAL B 12 -13.67 11.57 -28.64
N LYS B 13 -13.67 12.89 -28.80
CA LYS B 13 -12.61 13.53 -29.57
C LYS B 13 -11.31 13.52 -28.78
N PRO B 14 -10.18 13.50 -29.50
CA PRO B 14 -8.89 13.51 -28.81
C PRO B 14 -8.82 14.78 -27.94
N GLY B 15 -8.39 14.62 -26.69
CA GLY B 15 -8.31 15.76 -25.80
C GLY B 15 -9.55 15.84 -24.93
N GLY B 16 -10.64 15.22 -25.40
CA GLY B 16 -11.87 15.24 -24.64
C GLY B 16 -11.73 14.39 -23.38
N SER B 17 -12.82 14.33 -22.63
CA SER B 17 -12.86 13.57 -21.40
C SER B 17 -14.04 12.60 -21.43
N LEU B 18 -14.01 11.60 -20.55
CA LEU B 18 -15.08 10.60 -20.48
C LEU B 18 -15.07 9.93 -19.11
N LYS B 19 -16.26 9.78 -18.54
CA LYS B 19 -16.46 9.16 -17.24
C LYS B 19 -17.08 7.78 -17.38
N LEU B 20 -16.38 6.76 -16.89
CA LEU B 20 -16.90 5.39 -16.94
C LEU B 20 -17.31 4.99 -15.54
N SER B 21 -18.42 4.26 -15.45
CA SER B 21 -18.92 3.81 -14.15
C SER B 21 -19.08 2.29 -14.10
N CYS B 22 -18.94 1.74 -12.91
CA CYS B 22 -19.05 0.29 -12.70
C CYS B 22 -19.89 0.11 -11.42
N ALA B 23 -21.04 -0.56 -11.55
CA ALA B 23 -21.93 -0.78 -10.40
C ALA B 23 -21.76 -2.17 -9.79
N ALA B 24 -21.27 -2.21 -8.56
CA ALA B 24 -21.03 -3.46 -7.84
C ALA B 24 -22.25 -4.00 -7.10
N SER B 25 -22.39 -5.34 -7.10
CA SER B 25 -23.50 -5.99 -6.43
C SER B 25 -23.11 -7.40 -6.03
N GLY B 26 -23.50 -7.82 -4.84
CA GLY B 26 -23.19 -9.18 -4.43
C GLY B 26 -22.05 -9.35 -3.45
N PHE B 27 -21.58 -8.28 -2.83
CA PHE B 27 -20.51 -8.37 -1.84
C PHE B 27 -20.34 -7.04 -1.11
N THR B 28 -19.51 -7.01 -0.09
CA THR B 28 -19.32 -5.77 0.66
C THR B 28 -18.27 -4.94 -0.05
N PHE B 29 -18.74 -4.09 -0.95
CA PHE B 29 -17.92 -3.20 -1.75
C PHE B 29 -16.74 -2.59 -0.99
N SER B 30 -17.02 -1.98 0.15
CA SER B 30 -15.99 -1.32 0.96
C SER B 30 -14.96 -2.25 1.59
N HIS B 31 -15.10 -3.55 1.37
CA HIS B 31 -14.16 -4.51 1.92
C HIS B 31 -13.17 -5.01 0.86
N TYR B 32 -13.28 -4.45 -0.34
CA TYR B 32 -12.42 -4.87 -1.43
C TYR B 32 -11.85 -3.73 -2.27
N GLY B 33 -10.57 -3.84 -2.62
CA GLY B 33 -9.94 -2.83 -3.47
C GLY B 33 -10.46 -3.08 -4.88
N MET B 34 -10.32 -2.11 -5.78
CA MET B 34 -10.81 -2.28 -7.15
C MET B 34 -9.84 -1.76 -8.19
N SER B 35 -9.96 -2.26 -9.41
CA SER B 35 -9.09 -1.85 -10.50
C SER B 35 -9.80 -1.72 -11.84
N TRP B 36 -9.13 -1.04 -12.77
CA TRP B 36 -9.61 -0.88 -14.13
C TRP B 36 -8.46 -1.43 -14.98
N VAL B 37 -8.82 -2.18 -16.01
CA VAL B 37 -7.85 -2.79 -16.92
C VAL B 37 -8.41 -2.51 -18.30
N ARG B 38 -7.54 -2.30 -19.27
CA ARG B 38 -8.00 -2.01 -20.62
C ARG B 38 -7.42 -3.04 -21.58
N GLN B 39 -8.09 -3.24 -22.70
CA GLN B 39 -7.62 -4.18 -23.70
C GLN B 39 -7.67 -3.49 -25.06
N THR B 40 -6.50 -3.20 -25.61
CA THR B 40 -6.39 -2.52 -26.88
C THR B 40 -6.79 -3.45 -28.01
N PRO B 41 -7.11 -2.87 -29.18
CA PRO B 41 -7.50 -3.70 -30.33
C PRO B 41 -6.55 -4.85 -30.61
N ASP B 42 -5.28 -4.69 -30.23
CA ASP B 42 -4.28 -5.73 -30.43
C ASP B 42 -4.52 -6.88 -29.45
N LYS B 43 -5.65 -6.84 -28.76
CA LYS B 43 -6.05 -7.85 -27.79
C LYS B 43 -5.20 -7.91 -26.51
N ARG B 44 -4.19 -7.06 -26.39
CA ARG B 44 -3.33 -7.07 -25.20
C ARG B 44 -4.01 -6.40 -24.00
N LEU B 45 -3.76 -6.96 -22.82
CA LEU B 45 -4.33 -6.44 -21.58
C LEU B 45 -3.36 -5.47 -20.89
N GLU B 46 -3.90 -4.34 -20.47
CA GLU B 46 -3.09 -3.34 -19.81
C GLU B 46 -3.73 -2.75 -18.56
N TRP B 47 -3.09 -2.98 -17.42
CA TRP B 47 -3.57 -2.45 -16.16
C TRP B 47 -3.65 -0.92 -16.24
N VAL B 48 -4.74 -0.34 -15.75
CA VAL B 48 -4.91 1.11 -15.83
C VAL B 48 -4.95 1.84 -14.48
N ALA B 49 -5.44 1.18 -13.44
CA ALA B 49 -5.56 1.83 -12.15
C ALA B 49 -6.19 0.95 -11.07
N THR B 50 -5.92 1.27 -9.82
CA THR B 50 -6.53 0.56 -8.70
C THR B 50 -6.71 1.52 -7.53
N ILE B 51 -7.63 1.17 -6.66
CA ILE B 51 -7.93 1.97 -5.48
C ILE B 51 -8.12 1.06 -4.27
N GLY B 52 -7.68 1.52 -3.12
CA GLY B 52 -7.85 0.73 -1.91
C GLY B 52 -9.33 0.57 -1.61
N SER B 53 -9.66 -0.37 -0.74
CA SER B 53 -11.05 -0.63 -0.36
C SER B 53 -11.64 0.58 0.34
N ARG B 54 -10.83 1.26 1.14
CA ARG B 54 -11.27 2.44 1.88
C ARG B 54 -11.17 3.61 0.91
N GLY B 55 -10.16 3.55 0.06
CA GLY B 55 -9.94 4.61 -0.91
C GLY B 55 -8.79 5.48 -0.42
N THR B 56 -8.11 5.00 0.61
CA THR B 56 -6.99 5.74 1.20
C THR B 56 -5.78 5.82 0.27
N TYR B 57 -5.85 5.11 -0.85
CA TYR B 57 -4.73 5.13 -1.79
C TYR B 57 -5.15 4.72 -3.19
N THR B 58 -4.38 5.16 -4.18
CA THR B 58 -4.65 4.87 -5.57
C THR B 58 -3.38 5.10 -6.39
N HIS B 59 -3.06 4.18 -7.30
CA HIS B 59 -1.90 4.41 -8.14
C HIS B 59 -2.18 4.03 -9.59
N TYR B 60 -1.34 4.52 -10.50
CA TYR B 60 -1.51 4.27 -11.93
C TYR B 60 -0.18 4.01 -12.64
N PRO B 61 -0.25 3.52 -13.88
CA PRO B 61 0.95 3.25 -14.67
C PRO B 61 1.31 4.58 -15.34
N ASP B 62 2.55 4.73 -15.76
CA ASP B 62 2.99 5.97 -16.40
C ASP B 62 2.15 6.41 -17.60
N SER B 63 1.64 5.44 -18.35
CA SER B 63 0.84 5.74 -19.54
C SER B 63 -0.37 6.64 -19.30
N VAL B 64 -0.94 6.58 -18.10
CA VAL B 64 -2.12 7.39 -17.82
C VAL B 64 -1.99 8.28 -16.61
N LYS B 65 -0.90 8.12 -15.87
CA LYS B 65 -0.68 8.92 -14.67
C LYS B 65 -0.85 10.42 -14.99
N GLY B 66 -1.72 11.08 -14.23
CA GLY B 66 -1.97 12.50 -14.44
C GLY B 66 -3.17 12.81 -15.32
N ARG B 67 -3.63 11.84 -16.09
CA ARG B 67 -4.76 12.02 -17.00
C ARG B 67 -6.03 11.30 -16.56
N PHE B 68 -5.84 10.14 -15.93
CA PHE B 68 -6.93 9.28 -15.45
C PHE B 68 -7.03 9.33 -13.92
N THR B 69 -8.26 9.25 -13.41
CA THR B 69 -8.50 9.28 -11.97
C THR B 69 -9.54 8.24 -11.55
N ILE B 70 -9.17 7.41 -10.57
CA ILE B 70 -10.07 6.36 -10.07
C ILE B 70 -10.82 6.85 -8.85
N SER B 71 -12.12 6.62 -8.81
CA SER B 71 -12.89 7.03 -7.66
C SER B 71 -13.88 5.93 -7.36
N ARG B 72 -14.44 5.98 -6.16
CA ARG B 72 -15.42 4.99 -5.73
C ARG B 72 -16.34 5.62 -4.72
N ASP B 73 -17.59 5.17 -4.71
CA ASP B 73 -18.56 5.67 -3.76
C ASP B 73 -19.14 4.44 -3.09
N ASN B 74 -18.56 4.08 -1.95
CA ASN B 74 -19.00 2.91 -1.21
C ASN B 74 -20.44 3.03 -0.76
N ASP B 75 -20.93 4.26 -0.68
CA ASP B 75 -22.30 4.50 -0.27
C ASP B 75 -23.26 4.06 -1.36
N LYS B 76 -22.83 4.18 -2.62
CA LYS B 76 -23.66 3.78 -3.76
C LYS B 76 -23.08 2.57 -4.47
N ASN B 77 -22.09 1.93 -3.85
CA ASN B 77 -21.45 0.76 -4.43
C ASN B 77 -21.08 0.96 -5.90
N ALA B 78 -20.36 2.03 -6.18
CA ALA B 78 -19.93 2.33 -7.54
C ALA B 78 -18.44 2.62 -7.64
N LEU B 79 -17.84 2.26 -8.77
CA LEU B 79 -16.43 2.52 -9.03
C LEU B 79 -16.42 3.41 -10.27
N TYR B 80 -15.52 4.38 -10.29
CA TYR B 80 -15.47 5.29 -11.44
C TYR B 80 -14.09 5.38 -12.04
N LEU B 81 -14.04 5.93 -13.24
CA LEU B 81 -12.79 6.12 -13.96
C LEU B 81 -12.94 7.33 -14.88
N GLN B 82 -12.42 8.47 -14.42
CA GLN B 82 -12.45 9.72 -15.18
C GLN B 82 -11.22 9.78 -16.06
N MET B 83 -11.45 9.93 -17.35
CA MET B 83 -10.35 10.01 -18.30
C MET B 83 -10.39 11.42 -18.88
N ASN B 84 -9.24 12.09 -18.87
CA ASN B 84 -9.14 13.45 -19.41
C ASN B 84 -7.95 13.44 -20.34
N SER B 85 -7.88 14.43 -21.22
CA SER B 85 -6.77 14.54 -22.16
C SER B 85 -6.61 13.23 -22.92
N LEU B 86 -7.73 12.67 -23.37
CA LEU B 86 -7.73 11.42 -24.12
C LEU B 86 -6.95 11.45 -25.43
N LYS B 87 -6.36 10.30 -25.78
CA LYS B 87 -5.58 10.16 -27.01
C LYS B 87 -6.09 8.98 -27.84
N SER B 88 -5.80 8.97 -29.13
CA SER B 88 -6.22 7.87 -30.00
C SER B 88 -5.73 6.55 -29.42
N GLU B 89 -4.58 6.63 -28.76
CA GLU B 89 -3.94 5.50 -28.12
C GLU B 89 -4.77 4.92 -26.96
N ASP B 90 -5.74 5.70 -26.48
CA ASP B 90 -6.59 5.25 -25.36
C ASP B 90 -7.82 4.44 -25.79
N THR B 91 -8.04 4.32 -27.08
CA THR B 91 -9.19 3.57 -27.54
C THR B 91 -8.98 2.10 -27.16
N ALA B 92 -9.94 1.55 -26.44
CA ALA B 92 -9.85 0.17 -26.01
C ALA B 92 -11.14 -0.24 -25.30
N MET B 93 -11.18 -1.51 -24.92
CA MET B 93 -12.30 -2.04 -24.17
C MET B 93 -11.83 -1.91 -22.72
N TYR B 94 -12.59 -1.22 -21.89
CA TYR B 94 -12.23 -1.03 -20.48
C TYR B 94 -13.03 -1.92 -19.55
N TYR B 95 -12.34 -2.58 -18.61
CA TYR B 95 -12.96 -3.48 -17.64
C TYR B 95 -12.65 -3.09 -16.21
N CYS B 96 -13.62 -3.26 -15.32
CA CYS B 96 -13.37 -3.00 -13.90
C CYS B 96 -13.21 -4.40 -13.32
N ALA B 97 -12.46 -4.51 -12.25
CA ALA B 97 -12.25 -5.81 -11.63
C ALA B 97 -12.10 -5.69 -10.10
N ARG B 98 -12.51 -6.73 -9.39
CA ARG B 98 -12.39 -6.72 -7.94
C ARG B 98 -11.11 -7.44 -7.55
N ARG B 99 -10.47 -6.95 -6.51
CA ARG B 99 -9.24 -7.52 -5.98
C ARG B 99 -9.63 -8.37 -4.78
N SER B 100 -9.10 -9.58 -4.68
CA SER B 100 -9.46 -10.45 -3.57
C SER B 100 -8.46 -10.56 -2.43
N GLU B 101 -8.90 -11.24 -1.38
CA GLU B 101 -8.13 -11.51 -0.18
C GLU B 101 -7.09 -10.43 0.12
N TYR B 111 -3.09 -13.07 0.20
CA TYR B 111 -2.91 -12.88 -1.23
C TYR B 111 -3.96 -11.90 -1.77
N SER B 112 -3.87 -11.57 -3.06
CA SER B 112 -4.81 -10.67 -3.70
C SER B 112 -4.75 -10.83 -5.20
N ALA B 113 -5.90 -11.06 -5.82
CA ALA B 113 -6.00 -11.26 -7.27
C ALA B 113 -7.35 -10.78 -7.83
N MET B 114 -7.35 -10.40 -9.11
CA MET B 114 -8.54 -9.93 -9.85
C MET B 114 -9.47 -11.09 -10.18
N ASP B 115 -10.34 -11.42 -9.25
CA ASP B 115 -11.25 -12.55 -9.43
C ASP B 115 -12.54 -12.24 -10.16
N TYR B 116 -12.98 -10.98 -10.12
CA TYR B 116 -14.22 -10.63 -10.80
C TYR B 116 -14.09 -9.40 -11.68
N TRP B 117 -14.60 -9.51 -12.90
CA TRP B 117 -14.52 -8.44 -13.89
C TRP B 117 -15.87 -7.93 -14.39
N GLY B 118 -15.87 -6.71 -14.90
CA GLY B 118 -17.09 -6.15 -15.45
C GLY B 118 -17.23 -6.66 -16.86
N GLN B 119 -18.36 -6.34 -17.50
CA GLN B 119 -18.58 -6.79 -18.87
C GLN B 119 -17.77 -5.98 -19.90
N GLY B 120 -17.20 -4.87 -19.45
CA GLY B 120 -16.39 -4.06 -20.34
C GLY B 120 -17.13 -2.94 -21.03
N ALA B 121 -16.49 -1.77 -21.09
CA ALA B 121 -17.07 -0.62 -21.74
C ALA B 121 -16.17 -0.27 -22.92
N SER B 122 -16.79 0.01 -24.05
CA SER B 122 -16.02 0.35 -25.22
C SER B 122 -15.77 1.86 -25.34
N VAL B 123 -14.51 2.21 -25.52
CA VAL B 123 -14.12 3.60 -25.68
C VAL B 123 -13.32 3.77 -26.98
N THR B 124 -13.77 4.70 -27.80
CA THR B 124 -13.12 4.99 -29.07
C THR B 124 -12.76 6.47 -29.11
N VAL B 125 -11.48 6.75 -29.27
CA VAL B 125 -11.02 8.12 -29.37
C VAL B 125 -10.68 8.38 -30.83
N SER B 126 -11.51 9.19 -31.50
CA SER B 126 -11.29 9.51 -32.90
C SER B 126 -12.00 10.79 -33.30
N SER B 127 -11.55 11.41 -34.38
CA SER B 127 -12.18 12.63 -34.86
C SER B 127 -13.38 12.29 -35.74
N ALA B 128 -13.45 11.04 -36.19
CA ALA B 128 -14.56 10.61 -37.02
C ALA B 128 -15.86 10.78 -36.24
N LYS B 129 -16.93 11.16 -36.91
CA LYS B 129 -18.21 11.35 -36.26
C LYS B 129 -19.06 10.10 -36.36
N THR B 130 -20.14 10.06 -35.57
CA THR B 130 -21.05 8.93 -35.56
C THR B 130 -21.76 8.75 -36.89
N THR B 131 -21.82 7.50 -37.36
CA THR B 131 -22.49 7.19 -38.60
C THR B 131 -23.36 5.96 -38.37
N PRO B 132 -24.69 6.12 -38.46
CA PRO B 132 -25.60 4.99 -38.25
C PRO B 132 -25.45 4.00 -39.39
N PRO B 133 -25.83 2.73 -39.15
CA PRO B 133 -25.68 1.76 -40.24
C PRO B 133 -26.82 1.71 -41.25
N SER B 134 -26.56 1.02 -42.35
CA SER B 134 -27.54 0.76 -43.40
C SER B 134 -27.75 -0.74 -43.18
N VAL B 135 -29.00 -1.18 -43.08
CA VAL B 135 -29.23 -2.60 -42.86
C VAL B 135 -30.01 -3.16 -44.03
N TYR B 136 -29.38 -4.13 -44.70
CA TYR B 136 -30.00 -4.76 -45.85
C TYR B 136 -30.28 -6.21 -45.54
N PRO B 137 -31.45 -6.70 -45.96
CA PRO B 137 -31.82 -8.10 -45.72
C PRO B 137 -31.11 -9.00 -46.72
N LEU B 138 -30.69 -10.18 -46.30
CA LEU B 138 -30.05 -11.10 -47.22
C LEU B 138 -30.97 -12.30 -47.45
N ALA B 139 -31.60 -12.33 -48.62
CA ALA B 139 -32.51 -13.43 -48.96
C ALA B 139 -31.89 -14.24 -50.09
N PRO B 140 -31.96 -15.58 -50.00
CA PRO B 140 -31.40 -16.47 -51.01
C PRO B 140 -31.77 -16.13 -52.45
N SER B 148 -33.49 -29.16 -46.96
CA SER B 148 -33.25 -29.55 -45.57
C SER B 148 -33.34 -28.33 -44.66
N MET B 149 -32.36 -27.43 -44.77
CA MET B 149 -32.37 -26.22 -43.96
C MET B 149 -32.10 -25.01 -44.84
N VAL B 150 -32.25 -23.83 -44.26
CA VAL B 150 -32.01 -22.60 -45.02
C VAL B 150 -31.25 -21.56 -44.22
N THR B 151 -30.39 -20.82 -44.92
CA THR B 151 -29.59 -19.80 -44.28
C THR B 151 -29.98 -18.41 -44.79
N LEU B 152 -30.31 -17.54 -43.85
CA LEU B 152 -30.68 -16.18 -44.19
C LEU B 152 -29.64 -15.30 -43.53
N GLY B 153 -29.67 -14.01 -43.82
CA GLY B 153 -28.70 -13.12 -43.21
C GLY B 153 -29.02 -11.65 -43.27
N CYS B 154 -28.19 -10.87 -42.57
CA CYS B 154 -28.35 -9.44 -42.53
C CYS B 154 -27.01 -8.76 -42.75
N LEU B 155 -27.03 -7.72 -43.56
CA LEU B 155 -25.82 -6.96 -43.85
C LEU B 155 -25.93 -5.63 -43.14
N VAL B 156 -25.01 -5.40 -42.22
CA VAL B 156 -24.95 -4.16 -41.45
C VAL B 156 -23.74 -3.40 -41.99
N LYS B 157 -24.00 -2.45 -42.88
CA LYS B 157 -22.97 -1.70 -43.58
C LYS B 157 -22.78 -0.20 -43.31
N GLY B 158 -21.52 0.21 -43.32
CA GLY B 158 -21.12 1.60 -43.15
C GLY B 158 -21.50 2.29 -41.86
N TYR B 159 -21.00 1.82 -40.73
CA TYR B 159 -21.36 2.46 -39.48
C TYR B 159 -20.15 2.89 -38.67
N PHE B 160 -20.41 3.68 -37.62
CA PHE B 160 -19.36 4.18 -36.76
C PHE B 160 -19.94 4.89 -35.54
N PRO B 161 -19.39 4.60 -34.35
CA PRO B 161 -18.27 3.65 -34.16
C PRO B 161 -18.79 2.27 -33.79
N GLU B 162 -17.89 1.40 -33.36
CA GLU B 162 -18.32 0.08 -32.92
C GLU B 162 -18.89 0.37 -31.54
N PRO B 163 -19.76 -0.51 -31.04
CA PRO B 163 -20.19 -1.71 -31.74
C PRO B 163 -21.65 -1.66 -32.10
N VAL B 164 -22.13 -2.79 -32.61
CA VAL B 164 -23.53 -2.95 -32.94
C VAL B 164 -23.84 -4.32 -32.38
N THR B 165 -25.10 -4.60 -32.14
CA THR B 165 -25.48 -5.92 -31.66
C THR B 165 -26.52 -6.35 -32.65
N VAL B 166 -26.62 -7.65 -32.89
CA VAL B 166 -27.59 -8.14 -33.84
C VAL B 166 -28.39 -9.24 -33.16
N THR B 167 -29.68 -9.28 -33.45
CA THR B 167 -30.55 -10.28 -32.86
C THR B 167 -31.51 -10.74 -33.94
N TRP B 168 -31.92 -12.00 -33.88
CA TRP B 168 -32.85 -12.53 -34.87
C TRP B 168 -34.18 -12.86 -34.22
N ASN B 169 -35.25 -12.20 -34.68
CA ASN B 169 -36.58 -12.42 -34.12
C ASN B 169 -36.59 -12.04 -32.63
N SER B 170 -36.11 -10.83 -32.36
CA SER B 170 -36.06 -10.28 -31.01
C SER B 170 -35.28 -11.10 -30.00
N GLY B 171 -34.53 -12.09 -30.48
CA GLY B 171 -33.75 -12.91 -29.57
C GLY B 171 -34.29 -14.32 -29.48
N SER B 172 -35.45 -14.53 -30.08
CA SER B 172 -36.09 -15.85 -30.08
C SER B 172 -35.13 -16.82 -30.76
N LEU B 173 -34.73 -16.48 -31.98
CA LEU B 173 -33.77 -17.28 -32.73
C LEU B 173 -32.43 -17.02 -32.08
N SER B 174 -31.94 -18.00 -31.33
CA SER B 174 -30.68 -17.86 -30.65
C SER B 174 -29.63 -18.85 -31.12
N SER B 175 -30.07 -19.96 -31.68
CA SER B 175 -29.13 -20.97 -32.17
C SER B 175 -29.06 -21.00 -33.70
N GLY B 176 -27.95 -21.49 -34.23
CA GLY B 176 -27.79 -21.50 -35.68
C GLY B 176 -27.44 -20.12 -36.19
N VAL B 177 -26.97 -19.27 -35.28
CA VAL B 177 -26.59 -17.91 -35.60
C VAL B 177 -25.07 -17.73 -35.66
N HIS B 178 -24.63 -16.88 -36.58
CA HIS B 178 -23.21 -16.57 -36.75
C HIS B 178 -23.11 -15.07 -37.02
N THR B 179 -22.55 -14.33 -36.08
CA THR B 179 -22.38 -12.91 -36.27
C THR B 179 -20.89 -12.65 -36.40
N PHE B 180 -20.49 -12.19 -37.58
CA PHE B 180 -19.09 -11.95 -37.87
C PHE B 180 -18.49 -10.64 -37.36
N PRO B 181 -17.24 -10.70 -36.90
CA PRO B 181 -16.56 -9.51 -36.38
C PRO B 181 -16.61 -8.40 -37.43
N ALA B 182 -16.78 -7.16 -36.97
CA ALA B 182 -16.84 -6.04 -37.89
C ALA B 182 -15.48 -5.84 -38.56
N VAL B 183 -15.50 -5.31 -39.77
CA VAL B 183 -14.29 -5.06 -40.50
C VAL B 183 -14.35 -3.63 -40.99
N LEU B 184 -13.21 -2.95 -40.93
CA LEU B 184 -13.13 -1.58 -41.37
C LEU B 184 -13.08 -1.48 -42.88
N GLN B 185 -14.03 -0.75 -43.45
CA GLN B 185 -14.09 -0.55 -44.90
C GLN B 185 -14.10 0.94 -45.21
N SER B 186 -12.92 1.55 -45.21
CA SER B 186 -12.79 2.98 -45.51
C SER B 186 -13.37 3.82 -44.38
N ASP B 187 -12.71 3.80 -43.23
CA ASP B 187 -13.14 4.56 -42.06
C ASP B 187 -14.50 4.13 -41.50
N LEU B 188 -15.15 3.17 -42.15
CA LEU B 188 -16.45 2.71 -41.69
C LEU B 188 -16.47 1.21 -41.48
N TYR B 189 -17.26 0.77 -40.51
CA TYR B 189 -17.37 -0.65 -40.18
C TYR B 189 -18.54 -1.31 -40.87
N THR B 190 -18.38 -2.60 -41.12
CA THR B 190 -19.43 -3.39 -41.73
C THR B 190 -19.28 -4.80 -41.21
N LEU B 191 -20.41 -5.43 -40.97
CA LEU B 191 -20.42 -6.80 -40.52
C LEU B 191 -21.74 -7.38 -41.01
N SER B 192 -21.87 -8.68 -40.93
CA SER B 192 -23.07 -9.34 -41.36
C SER B 192 -23.36 -10.41 -40.34
N SER B 193 -24.55 -10.98 -40.41
CA SER B 193 -24.97 -12.00 -39.48
C SER B 193 -25.79 -13.03 -40.24
N SER B 194 -25.59 -14.31 -39.93
CA SER B 194 -26.36 -15.34 -40.61
C SER B 194 -27.10 -16.18 -39.60
N VAL B 195 -28.23 -16.70 -40.03
CA VAL B 195 -29.04 -17.58 -39.20
C VAL B 195 -29.52 -18.72 -40.09
N THR B 196 -29.39 -19.94 -39.59
CA THR B 196 -29.80 -21.13 -40.30
C THR B 196 -31.04 -21.73 -39.65
N VAL B 197 -32.06 -22.01 -40.46
CA VAL B 197 -33.28 -22.59 -39.94
C VAL B 197 -33.83 -23.70 -40.83
N PRO B 198 -34.73 -24.52 -40.28
CA PRO B 198 -35.29 -25.60 -41.08
C PRO B 198 -36.23 -25.03 -42.12
N SER B 199 -36.26 -25.64 -43.30
CA SER B 199 -37.11 -25.18 -44.37
C SER B 199 -38.52 -24.91 -43.85
N SER B 200 -38.96 -25.75 -42.92
CA SER B 200 -40.29 -25.62 -42.34
C SER B 200 -40.57 -24.18 -41.87
N THR B 201 -39.56 -23.55 -41.30
CA THR B 201 -39.69 -22.20 -40.75
C THR B 201 -39.76 -21.06 -41.73
N TRP B 202 -38.90 -21.08 -42.74
CA TRP B 202 -38.84 -19.98 -43.70
C TRP B 202 -39.00 -20.56 -45.10
N PRO B 203 -39.75 -19.87 -45.98
CA PRO B 203 -40.45 -18.60 -45.76
C PRO B 203 -41.83 -18.68 -45.10
N SER B 204 -42.25 -19.88 -44.71
CA SER B 204 -43.54 -20.03 -44.06
C SER B 204 -43.78 -18.89 -43.08
N GLU B 205 -42.92 -18.80 -42.07
CA GLU B 205 -43.01 -17.75 -41.05
C GLU B 205 -42.18 -16.53 -41.50
N THR B 206 -42.22 -15.46 -40.70
CA THR B 206 -41.47 -14.26 -41.01
C THR B 206 -40.21 -14.25 -40.15
N VAL B 207 -39.08 -13.90 -40.76
CA VAL B 207 -37.82 -13.84 -40.04
C VAL B 207 -37.28 -12.42 -40.15
N THR B 208 -36.93 -11.82 -39.02
CA THR B 208 -36.40 -10.47 -39.02
C THR B 208 -35.21 -10.35 -38.06
N CYS B 209 -34.19 -9.63 -38.50
CA CYS B 209 -33.01 -9.44 -37.67
C CYS B 209 -33.11 -8.05 -37.06
N ASN B 210 -32.66 -7.93 -35.82
CA ASN B 210 -32.72 -6.66 -35.09
C ASN B 210 -31.32 -6.08 -34.92
N VAL B 211 -31.11 -4.91 -35.52
CA VAL B 211 -29.82 -4.24 -35.46
C VAL B 211 -29.91 -3.02 -34.57
N ALA B 212 -28.91 -2.87 -33.70
CA ALA B 212 -28.87 -1.73 -32.79
C ALA B 212 -27.49 -1.10 -32.76
N HIS B 213 -27.45 0.22 -32.94
CA HIS B 213 -26.19 0.97 -32.92
C HIS B 213 -26.40 2.08 -31.92
N PRO B 214 -26.09 1.81 -30.63
CA PRO B 214 -26.22 2.75 -29.51
C PRO B 214 -25.64 4.14 -29.79
N ALA B 215 -24.41 4.19 -30.28
CA ALA B 215 -23.75 5.46 -30.60
C ALA B 215 -24.65 6.43 -31.35
N SER B 216 -25.46 5.91 -32.28
CA SER B 216 -26.38 6.74 -33.06
C SER B 216 -27.83 6.52 -32.67
N SER B 217 -28.05 5.89 -31.52
CA SER B 217 -29.40 5.60 -31.04
C SER B 217 -30.24 4.86 -32.08
N THR B 218 -29.58 4.38 -33.13
CA THR B 218 -30.25 3.65 -34.20
C THR B 218 -30.81 2.32 -33.71
N LYS B 219 -31.96 1.94 -34.28
CA LYS B 219 -32.61 0.68 -33.95
C LYS B 219 -33.50 0.31 -35.13
N VAL B 220 -33.16 -0.76 -35.83
CA VAL B 220 -33.96 -1.16 -36.99
C VAL B 220 -34.24 -2.64 -37.03
N ASP B 221 -35.37 -2.98 -37.66
CA ASP B 221 -35.78 -4.36 -37.81
C ASP B 221 -36.00 -4.56 -39.31
N LYS B 222 -35.25 -5.49 -39.87
CA LYS B 222 -35.35 -5.77 -41.29
C LYS B 222 -35.90 -7.18 -41.48
N LYS B 223 -37.00 -7.30 -42.22
CA LYS B 223 -37.62 -8.59 -42.49
C LYS B 223 -36.95 -9.27 -43.68
N ILE B 224 -36.77 -10.58 -43.58
CA ILE B 224 -36.17 -11.33 -44.67
C ILE B 224 -37.28 -11.89 -45.55
N VAL B 225 -37.52 -11.17 -46.65
CA VAL B 225 -38.55 -11.55 -47.59
C VAL B 225 -37.95 -12.11 -48.87
N PRO B 226 -38.51 -13.20 -49.38
CA PRO B 226 -38.00 -13.78 -50.62
C PRO B 226 -38.18 -12.81 -51.78
N ARG B 227 -37.40 -12.99 -52.83
CA ARG B 227 -37.46 -12.12 -53.99
C ARG B 227 -38.34 -12.73 -55.09
N ASP B 228 -39.08 -11.87 -55.80
CA ASP B 228 -39.98 -12.31 -56.87
C ASP B 228 -41.30 -12.88 -56.36
N ASP C 1 16.07 8.21 -0.75
CA ASP C 1 15.84 8.44 0.71
C ASP C 1 15.93 9.93 1.01
N ILE C 2 14.78 10.56 1.30
CA ILE C 2 14.76 11.99 1.62
C ILE C 2 15.53 12.22 2.92
N VAL C 3 16.13 13.40 3.05
CA VAL C 3 16.90 13.73 4.25
C VAL C 3 16.43 15.06 4.86
N LEU C 4 16.14 15.02 6.15
CA LEU C 4 15.68 16.20 6.86
C LEU C 4 16.77 16.77 7.75
N THR C 5 16.91 18.09 7.71
CA THR C 5 17.90 18.78 8.51
C THR C 5 17.25 19.90 9.30
N GLN C 6 17.33 19.82 10.62
CA GLN C 6 16.74 20.81 11.50
C GLN C 6 17.81 21.75 12.04
N SER C 7 17.39 22.96 12.38
CA SER C 7 18.30 23.96 12.93
C SER C 7 17.46 24.98 13.70
N PRO C 8 18.00 25.46 14.84
CA PRO C 8 19.31 25.03 15.32
C PRO C 8 19.22 23.71 16.07
N ALA C 9 20.35 23.25 16.58
CA ALA C 9 20.41 22.01 17.34
C ALA C 9 19.68 22.23 18.67
N SER C 10 20.02 23.34 19.33
CA SER C 10 19.40 23.71 20.59
C SER C 10 18.91 25.15 20.49
N LEU C 11 17.80 25.45 21.18
CA LEU C 11 17.20 26.77 21.14
C LEU C 11 16.71 27.25 22.51
N ALA C 12 17.33 28.31 23.03
CA ALA C 12 16.95 28.86 24.33
C ALA C 12 16.15 30.14 24.15
N VAL C 13 14.91 30.15 24.65
CA VAL C 13 14.05 31.33 24.50
C VAL C 13 13.30 31.75 25.77
N SER C 14 13.25 33.06 26.00
CA SER C 14 12.58 33.60 27.18
C SER C 14 11.07 33.34 27.17
N LEU C 15 10.49 33.31 28.37
CA LEU C 15 9.06 33.08 28.50
C LEU C 15 8.29 34.16 27.74
N GLY C 16 7.27 33.75 27.00
CA GLY C 16 6.47 34.71 26.25
C GLY C 16 6.92 34.92 24.81
N GLN C 17 8.22 34.82 24.54
CA GLN C 17 8.74 35.01 23.19
C GLN C 17 8.14 34.09 22.15
N ARG C 18 8.77 34.11 20.98
CA ARG C 18 8.38 33.29 19.84
C ARG C 18 9.46 32.25 19.59
N ALA C 19 9.05 30.99 19.42
CA ALA C 19 10.00 29.93 19.17
C ALA C 19 9.94 29.53 17.69
N THR C 20 11.08 29.54 17.03
CA THR C 20 11.14 29.18 15.63
C THR C 20 12.18 28.11 15.39
N ILE C 21 11.74 26.96 14.89
CA ILE C 21 12.63 25.86 14.58
C ILE C 21 12.47 25.52 13.12
N SER C 22 13.60 25.33 12.46
CA SER C 22 13.56 25.05 11.04
C SER C 22 13.98 23.64 10.65
N CYS C 23 13.47 23.20 9.51
CA CYS C 23 13.73 21.88 8.96
C CYS C 23 13.77 22.00 7.45
N ARG C 24 14.81 21.49 6.82
CA ARG C 24 14.95 21.56 5.37
C ARG C 24 15.01 20.17 4.75
N ALA C 25 14.14 19.93 3.77
CA ALA C 25 14.08 18.65 3.08
C ALA C 25 14.93 18.66 1.81
N SER C 26 15.71 17.60 1.64
CA SER C 26 16.58 17.45 0.48
C SER C 26 15.77 17.20 -0.79
N GLU C 27 14.48 16.87 -0.63
CA GLU C 27 13.61 16.62 -1.78
C GLU C 27 12.20 17.15 -1.56
N SER C 28 11.39 17.14 -2.61
CA SER C 28 10.01 17.60 -2.52
C SER C 28 9.28 16.78 -1.48
N VAL C 29 8.11 17.26 -1.09
CA VAL C 29 7.28 16.59 -0.10
C VAL C 29 5.80 16.88 -0.39
N ASP C 30 5.40 16.66 -1.64
CA ASP C 30 4.01 16.90 -2.06
C ASP C 30 3.56 15.88 -3.10
N MET C 37 4.97 16.80 5.47
CA MET C 37 5.80 17.33 6.54
C MET C 37 5.05 17.46 7.86
N ASN C 38 5.61 16.85 8.90
CA ASN C 38 5.00 16.89 10.23
C ASN C 38 6.02 17.16 11.32
N TRP C 39 5.55 17.71 12.44
CA TRP C 39 6.40 18.01 13.59
C TRP C 39 5.92 17.27 14.84
N PHE C 40 6.85 16.71 15.60
CA PHE C 40 6.52 16.01 16.83
C PHE C 40 7.20 16.68 18.01
N GLN C 41 6.58 16.56 19.18
CA GLN C 41 7.09 17.11 20.44
C GLN C 41 7.26 15.94 21.40
N GLN C 42 8.46 15.78 21.92
CA GLN C 42 8.70 14.70 22.87
C GLN C 42 9.29 15.22 24.18
N LYS C 43 8.50 15.06 25.25
CA LYS C 43 8.93 15.47 26.59
C LYS C 43 9.53 14.25 27.26
N PRO C 44 10.50 14.46 28.16
CA PRO C 44 11.16 13.37 28.88
C PRO C 44 10.23 12.29 29.43
N GLY C 45 10.71 11.05 29.36
CA GLY C 45 9.92 9.94 29.86
C GLY C 45 8.68 9.66 29.04
N GLN C 46 8.45 10.47 28.02
CA GLN C 46 7.27 10.26 27.19
C GLN C 46 7.60 9.93 25.75
N PRO C 47 6.64 9.31 25.05
CA PRO C 47 6.84 8.97 23.65
C PRO C 47 6.54 10.24 22.85
N PRO C 48 7.06 10.33 21.62
CA PRO C 48 6.78 11.52 20.83
C PRO C 48 5.28 11.74 20.64
N LYS C 49 4.87 13.00 20.51
CA LYS C 49 3.46 13.36 20.32
C LYS C 49 3.30 14.20 19.07
N LEU C 50 2.25 13.92 18.31
CA LEU C 50 2.00 14.65 17.07
C LEU C 50 1.61 16.12 17.30
N LEU C 51 2.40 17.05 16.76
CA LEU C 51 2.09 18.46 16.92
C LEU C 51 1.39 19.00 15.70
N ILE C 52 2.10 18.99 14.58
CA ILE C 52 1.59 19.51 13.31
C ILE C 52 1.74 18.50 12.20
N TYR C 53 0.72 18.44 11.34
CA TYR C 53 0.76 17.54 10.20
C TYR C 53 0.43 18.31 8.93
N ALA C 54 0.95 17.84 7.80
CA ALA C 54 0.72 18.52 6.53
C ALA C 54 1.23 19.95 6.73
N ILE C 55 2.32 20.05 7.49
CA ILE C 55 3.01 21.28 7.83
C ILE C 55 2.21 22.45 8.42
N SER C 56 0.89 22.40 8.37
CA SER C 56 0.15 23.53 8.93
C SER C 56 -0.98 23.14 9.85
N ASN C 57 -1.39 21.87 9.81
CA ASN C 57 -2.49 21.43 10.67
C ASN C 57 -2.04 20.96 12.04
N ARG C 58 -2.60 21.58 13.07
CA ARG C 58 -2.27 21.23 14.44
C ARG C 58 -2.99 19.93 14.78
N GLY C 59 -2.34 19.09 15.58
CA GLY C 59 -2.93 17.82 15.96
C GLY C 59 -4.10 18.01 16.91
N SER C 60 -5.12 17.18 16.76
CA SER C 60 -6.30 17.27 17.62
C SER C 60 -5.89 17.24 19.09
N GLY C 61 -6.00 18.40 19.74
CA GLY C 61 -5.63 18.49 21.14
C GLY C 61 -4.50 19.47 21.33
N VAL C 62 -3.87 19.86 20.23
CA VAL C 62 -2.75 20.81 20.28
C VAL C 62 -3.28 22.23 20.43
N PRO C 63 -2.67 23.03 21.33
CA PRO C 63 -3.11 24.41 21.53
C PRO C 63 -2.68 25.34 20.41
N ALA C 64 -3.36 26.48 20.31
CA ALA C 64 -3.09 27.46 19.28
C ALA C 64 -1.65 27.96 19.32
N ARG C 65 -1.05 27.89 20.50
CA ARG C 65 0.33 28.32 20.73
C ARG C 65 1.30 27.85 19.65
N PHE C 66 1.00 26.72 19.04
CA PHE C 66 1.86 26.16 18.00
C PHE C 66 1.32 26.33 16.60
N SER C 67 2.23 26.38 15.63
CA SER C 67 1.89 26.52 14.23
C SER C 67 3.12 26.26 13.39
N GLY C 68 2.91 25.76 12.18
CA GLY C 68 4.03 25.49 11.31
C GLY C 68 3.78 26.12 9.96
N SER C 69 4.84 26.36 9.22
CA SER C 69 4.70 26.97 7.92
C SER C 69 5.83 26.60 6.98
N GLY C 70 5.85 27.24 5.82
CA GLY C 70 6.88 26.98 4.84
C GLY C 70 6.31 26.23 3.66
N SER C 71 7.21 25.72 2.82
CA SER C 71 6.83 24.95 1.64
C SER C 71 8.08 24.68 0.82
N GLY C 72 8.01 23.66 -0.02
CA GLY C 72 9.15 23.32 -0.85
C GLY C 72 10.13 22.43 -0.12
N THR C 73 11.30 22.97 0.19
CA THR C 73 12.31 22.18 0.89
C THR C 73 12.28 22.33 2.40
N ASP C 74 12.39 23.55 2.91
CA ASP C 74 12.39 23.73 4.36
C ASP C 74 11.15 24.37 4.95
N PHE C 75 10.82 23.95 6.17
CA PHE C 75 9.66 24.45 6.88
C PHE C 75 10.11 24.79 8.28
N SER C 76 9.18 25.25 9.11
CA SER C 76 9.54 25.62 10.47
C SER C 76 8.35 25.56 11.42
N LEU C 77 8.64 25.33 12.68
CA LEU C 77 7.63 25.25 13.71
C LEU C 77 7.72 26.54 14.50
N ASN C 78 6.58 27.11 14.86
CA ASN C 78 6.57 28.34 15.63
C ASN C 78 5.65 28.25 16.83
N ILE C 79 6.23 28.53 17.99
CA ILE C 79 5.49 28.50 19.24
C ILE C 79 5.48 29.93 19.76
N HIS C 80 4.29 30.40 20.12
CA HIS C 80 4.16 31.77 20.60
C HIS C 80 2.73 31.98 21.11
N PRO C 81 2.58 32.30 22.41
CA PRO C 81 3.67 32.47 23.39
C PRO C 81 4.27 31.16 23.88
N VAL C 82 5.60 31.17 24.09
CA VAL C 82 6.31 30.01 24.61
C VAL C 82 5.95 29.99 26.10
N GLU C 83 5.58 28.81 26.61
CA GLU C 83 5.21 28.70 28.02
C GLU C 83 6.16 27.80 28.83
N GLU C 84 5.95 27.78 30.15
CA GLU C 84 6.79 27.00 31.06
C GLU C 84 6.85 25.52 30.71
N ASP C 85 5.75 25.01 30.19
CA ASP C 85 5.58 23.61 29.83
C ASP C 85 6.13 23.21 28.45
N ASP C 86 6.78 24.12 27.74
CA ASP C 86 7.28 23.80 26.40
C ASP C 86 8.65 23.14 26.25
N PRO C 87 9.58 23.39 27.18
CA PRO C 87 10.88 22.76 27.02
C PRO C 87 10.75 21.28 26.64
N ALA C 88 11.43 20.89 25.58
CA ALA C 88 11.35 19.52 25.10
C ALA C 88 12.19 19.29 23.86
N MET C 89 12.03 18.11 23.27
CA MET C 89 12.73 17.73 22.06
C MET C 89 11.70 17.84 20.95
N TYR C 90 12.07 18.53 19.87
CA TYR C 90 11.17 18.69 18.74
C TYR C 90 11.82 18.09 17.49
N PHE C 91 11.03 17.34 16.73
CA PHE C 91 11.52 16.68 15.53
C PHE C 91 10.58 16.94 14.37
N CYS C 92 11.14 16.98 13.17
CA CYS C 92 10.33 17.12 11.97
C CYS C 92 10.37 15.74 11.31
N GLN C 93 9.30 15.37 10.61
CA GLN C 93 9.25 14.08 9.95
C GLN C 93 8.75 14.15 8.51
N GLN C 94 9.31 13.27 7.69
CA GLN C 94 8.97 13.20 6.28
C GLN C 94 8.26 11.88 6.00
N THR C 95 7.03 11.97 5.49
CA THR C 95 6.27 10.76 5.15
C THR C 95 6.03 10.71 3.63
N GLU C 97 7.83 9.63 1.29
CA GLU C 97 8.10 8.31 0.75
C GLU C 97 9.13 7.52 1.56
N VAL C 98 8.98 6.21 1.52
CA VAL C 98 9.85 5.28 2.24
C VAL C 98 11.30 5.39 1.78
N PRO C 99 12.25 5.30 2.73
CA PRO C 99 11.96 5.11 4.15
C PRO C 99 11.67 6.45 4.79
N TRP C 100 10.70 6.47 5.70
CA TRP C 100 10.35 7.70 6.39
C TRP C 100 11.50 8.13 7.27
N THR C 101 11.80 9.43 7.27
CA THR C 101 12.91 9.92 8.06
C THR C 101 12.56 11.04 9.03
N PHE C 102 13.44 11.25 10.01
CA PHE C 102 13.26 12.27 11.03
C PHE C 102 14.42 13.24 11.04
N GLY C 103 14.16 14.47 11.51
CA GLY C 103 15.22 15.45 11.61
C GLY C 103 16.06 15.04 12.81
N GLY C 104 17.25 15.62 12.94
CA GLY C 104 18.09 15.27 14.06
C GLY C 104 17.53 15.58 15.44
N GLY C 105 16.53 16.47 15.48
CA GLY C 105 15.93 16.85 16.74
C GLY C 105 16.55 18.12 17.28
N THR C 106 15.72 18.98 17.87
CA THR C 106 16.21 20.23 18.45
C THR C 106 15.65 20.43 19.86
N LYS C 107 16.54 20.79 20.78
CA LYS C 107 16.16 21.00 22.19
C LYS C 107 15.78 22.45 22.51
N LEU C 108 14.55 22.63 22.96
CA LEU C 108 14.07 23.95 23.34
C LEU C 108 14.20 24.14 24.86
N GLU C 109 14.91 25.17 25.27
CA GLU C 109 15.10 25.49 26.67
C GLU C 109 14.48 26.86 26.96
N ILE C 110 13.84 27.00 28.11
CA ILE C 110 13.26 28.28 28.48
C ILE C 110 14.34 29.12 29.13
N LYS C 111 14.23 30.44 29.03
CA LYS C 111 15.20 31.35 29.65
C LYS C 111 14.50 32.04 30.82
N ARG C 112 15.18 32.11 31.96
CA ARG C 112 14.63 32.75 33.15
C ARG C 112 15.72 33.47 33.92
N ALA C 113 15.36 34.00 35.09
CA ALA C 113 16.34 34.71 35.90
C ALA C 113 17.28 33.72 36.56
N ASP C 114 18.46 34.19 36.92
CA ASP C 114 19.40 33.31 37.58
C ASP C 114 18.75 32.81 38.88
N ALA C 115 19.18 31.64 39.32
CA ALA C 115 18.68 31.05 40.56
C ALA C 115 19.81 30.24 41.18
N ALA C 116 20.10 30.51 42.44
CA ALA C 116 21.16 29.78 43.13
C ALA C 116 20.63 28.41 43.52
N PRO C 117 21.49 27.38 43.50
CA PRO C 117 21.06 26.02 43.86
C PRO C 117 20.92 25.84 45.35
N THR C 118 19.96 25.04 45.77
CA THR C 118 19.81 24.70 47.17
C THR C 118 20.75 23.49 47.25
N VAL C 119 21.80 23.57 48.05
CA VAL C 119 22.77 22.49 48.13
C VAL C 119 22.65 21.61 49.37
N SER C 120 22.72 20.30 49.16
CA SER C 120 22.63 19.34 50.26
C SER C 120 23.75 18.29 50.13
N ILE C 121 24.47 18.04 51.21
CA ILE C 121 25.51 17.05 51.17
C ILE C 121 25.10 15.88 52.08
N PHE C 122 25.46 14.66 51.69
CA PHE C 122 25.11 13.49 52.47
C PHE C 122 26.27 12.52 52.68
N PRO C 123 26.51 12.15 53.94
CA PRO C 123 27.59 11.21 54.26
C PRO C 123 27.19 9.79 53.83
N PRO C 124 28.16 8.89 53.73
CA PRO C 124 27.86 7.51 53.34
C PRO C 124 27.00 6.90 54.44
N SER C 125 25.99 6.14 54.05
CA SER C 125 25.13 5.50 55.04
C SER C 125 25.93 4.38 55.73
N SER C 126 25.56 4.05 56.96
CA SER C 126 26.25 2.98 57.68
C SER C 126 26.19 1.65 56.91
N GLU C 127 25.11 1.42 56.17
CA GLU C 127 24.98 0.19 55.39
C GLU C 127 26.11 0.03 54.37
N GLN C 128 26.38 1.09 53.61
CA GLN C 128 27.42 1.03 52.60
C GLN C 128 28.78 0.86 53.27
N LEU C 129 28.96 1.54 54.40
CA LEU C 129 30.22 1.45 55.13
C LEU C 129 30.54 0.02 55.56
N THR C 130 29.50 -0.71 55.97
CA THR C 130 29.66 -2.06 56.41
C THR C 130 30.13 -2.97 55.28
N SER C 131 29.83 -2.59 54.05
CA SER C 131 30.21 -3.39 52.91
C SER C 131 31.48 -2.91 52.24
N GLY C 132 32.20 -2.03 52.93
CA GLY C 132 33.48 -1.55 52.41
C GLY C 132 33.45 -0.40 51.43
N GLY C 133 32.27 0.14 51.16
CA GLY C 133 32.15 1.26 50.23
C GLY C 133 31.75 2.58 50.89
N ALA C 134 32.07 3.67 50.22
CA ALA C 134 31.76 4.98 50.76
C ALA C 134 31.45 6.04 49.71
N SER C 135 30.16 6.27 49.47
CA SER C 135 29.75 7.28 48.52
C SER C 135 29.24 8.50 49.27
N VAL C 136 29.70 9.66 48.85
CA VAL C 136 29.27 10.90 49.47
C VAL C 136 28.43 11.59 48.39
N VAL C 137 27.24 12.00 48.77
CA VAL C 137 26.37 12.61 47.77
C VAL C 137 26.05 14.06 48.05
N CYS C 138 25.97 14.80 46.96
CA CYS C 138 25.67 16.21 47.02
C CYS C 138 24.65 16.55 45.96
N PHE C 139 23.61 17.28 46.35
CA PHE C 139 22.57 17.68 45.39
C PHE C 139 22.57 19.17 45.26
N LEU C 140 22.45 19.64 44.03
CA LEU C 140 22.35 21.07 43.74
C LEU C 140 21.00 21.15 43.02
N ASN C 141 19.99 21.63 43.72
CA ASN C 141 18.63 21.67 43.18
C ASN C 141 18.05 23.03 42.87
N ASN C 142 17.31 23.09 41.75
CA ASN C 142 16.62 24.27 41.28
C ASN C 142 17.47 25.51 41.00
N PHE C 143 18.47 25.37 40.15
CA PHE C 143 19.31 26.50 39.83
C PHE C 143 19.16 26.88 38.35
N TYR C 144 19.79 27.99 37.98
CA TYR C 144 19.76 28.49 36.61
C TYR C 144 20.82 29.59 36.48
N PRO C 145 21.58 29.61 35.35
CA PRO C 145 21.53 28.70 34.20
C PRO C 145 22.04 27.31 34.51
N LYS C 146 21.95 26.42 33.53
CA LYS C 146 22.35 25.04 33.68
C LYS C 146 23.84 24.82 33.90
N ASP C 147 24.68 25.63 33.28
CA ASP C 147 26.13 25.43 33.44
C ASP C 147 26.61 25.85 34.81
N ILE C 148 27.12 24.89 35.58
CA ILE C 148 27.60 25.11 36.94
C ILE C 148 28.64 24.05 37.24
N ASN C 149 29.67 24.38 38.03
CA ASN C 149 30.73 23.43 38.36
C ASN C 149 30.69 23.00 39.82
N VAL C 150 30.96 21.73 40.07
CA VAL C 150 30.98 21.20 41.42
C VAL C 150 32.39 20.77 41.73
N LYS C 151 32.87 21.10 42.92
CA LYS C 151 34.21 20.70 43.32
C LYS C 151 34.11 20.01 44.67
N TRP C 152 34.78 18.88 44.77
CA TRP C 152 34.81 18.14 46.03
C TRP C 152 36.15 18.38 46.73
N LYS C 153 36.12 18.49 48.06
CA LYS C 153 37.34 18.67 48.82
C LYS C 153 37.31 17.78 50.05
N ILE C 154 38.41 17.08 50.27
CA ILE C 154 38.54 16.16 51.40
C ILE C 154 39.66 16.70 52.28
N ASP C 155 39.33 16.96 53.54
CA ASP C 155 40.32 17.51 54.47
C ASP C 155 40.95 18.75 53.84
N GLY C 156 40.13 19.49 53.09
CA GLY C 156 40.59 20.72 52.45
C GLY C 156 41.22 20.57 51.07
N SER C 157 41.60 19.34 50.71
CA SER C 157 42.23 19.12 49.40
C SER C 157 41.28 18.58 48.33
N GLU C 158 41.28 19.24 47.18
CA GLU C 158 40.41 18.86 46.07
C GLU C 158 40.58 17.43 45.58
N ARG C 159 39.45 16.76 45.37
CA ARG C 159 39.44 15.38 44.90
C ARG C 159 38.91 15.39 43.47
N GLN C 160 39.57 14.65 42.58
CA GLN C 160 39.17 14.60 41.18
C GLN C 160 38.53 13.28 40.76
N ASN C 161 39.09 12.18 41.25
CA ASN C 161 38.61 10.84 40.91
C ASN C 161 37.43 10.32 41.72
N GLY C 162 36.61 9.51 41.05
CA GLY C 162 35.45 8.93 41.69
C GLY C 162 34.23 9.82 41.71
N VAL C 163 34.19 10.81 40.82
CA VAL C 163 33.08 11.74 40.76
C VAL C 163 32.15 11.56 39.58
N LEU C 164 30.87 11.29 39.86
CA LEU C 164 29.84 11.13 38.83
C LEU C 164 28.78 12.23 38.97
N ASN C 165 28.61 13.03 37.92
CA ASN C 165 27.63 14.11 37.93
C ASN C 165 26.46 13.80 37.02
N SER C 166 25.28 14.30 37.36
CA SER C 166 24.10 14.05 36.53
C SER C 166 23.08 15.18 36.64
N TRP C 167 22.73 15.74 35.50
CA TRP C 167 21.78 16.85 35.43
C TRP C 167 20.38 16.38 35.05
N THR C 168 19.37 17.06 35.56
CA THR C 168 18.02 16.72 35.19
C THR C 168 17.66 17.64 34.04
N ASP C 169 16.60 17.32 33.31
CA ASP C 169 16.15 18.17 32.22
C ASP C 169 15.57 19.40 32.89
N GLN C 170 15.31 20.44 32.13
CA GLN C 170 14.76 21.65 32.70
C GLN C 170 13.35 21.41 33.30
N ASP C 171 13.14 21.92 34.49
CA ASP C 171 11.87 21.81 35.19
C ASP C 171 10.81 22.48 34.34
N SER C 172 9.62 21.89 34.26
CA SER C 172 8.55 22.46 33.46
C SER C 172 7.57 23.31 34.28
N LYS C 173 8.02 23.76 35.45
CA LYS C 173 7.19 24.59 36.31
C LYS C 173 7.91 25.88 36.65
N ASP C 174 9.14 25.77 37.15
CA ASP C 174 9.93 26.95 37.50
C ASP C 174 11.11 27.12 36.56
N SER C 175 11.19 26.27 35.56
CA SER C 175 12.23 26.33 34.55
C SER C 175 13.67 26.27 35.02
N THR C 176 13.91 25.63 36.17
CA THR C 176 15.24 25.51 36.71
C THR C 176 15.84 24.14 36.39
N TYR C 177 17.09 23.95 36.78
CA TYR C 177 17.78 22.69 36.58
C TYR C 177 18.15 22.10 37.95
N SER C 178 18.49 20.82 37.98
CA SER C 178 18.91 20.21 39.23
C SER C 178 20.07 19.31 38.90
N MET C 179 21.00 19.14 39.82
CA MET C 179 22.13 18.29 39.51
C MET C 179 22.60 17.47 40.69
N SER C 180 23.13 16.28 40.39
CA SER C 180 23.63 15.37 41.41
C SER C 180 25.13 15.08 41.22
N SER C 181 25.91 15.15 42.30
CA SER C 181 27.33 14.84 42.22
C SER C 181 27.68 13.83 43.29
N THR C 182 28.26 12.71 42.87
CA THR C 182 28.61 11.64 43.79
C THR C 182 30.08 11.31 43.77
N LEU C 183 30.67 11.40 44.95
CA LEU C 183 32.06 11.10 45.14
C LEU C 183 32.14 9.73 45.78
N THR C 184 32.52 8.72 45.00
CA THR C 184 32.63 7.38 45.56
C THR C 184 34.06 7.02 45.98
N LEU C 185 34.23 6.73 47.26
CA LEU C 185 35.52 6.33 47.82
C LEU C 185 35.37 4.94 48.42
N THR C 186 36.46 4.42 48.96
CA THR C 186 36.46 3.12 49.61
C THR C 186 36.24 3.44 51.09
N LYS C 187 35.69 2.50 51.85
CA LYS C 187 35.49 2.75 53.26
C LYS C 187 36.81 3.18 53.91
N ASP C 188 37.89 2.48 53.57
CA ASP C 188 39.21 2.80 54.15
C ASP C 188 39.63 4.23 53.86
N GLU C 189 39.46 4.70 52.63
CA GLU C 189 39.82 6.08 52.29
C GLU C 189 38.99 7.03 53.16
N TYR C 190 37.69 6.78 53.19
CA TYR C 190 36.78 7.58 53.96
C TYR C 190 37.17 7.71 55.43
N GLU C 191 37.60 6.60 56.02
CA GLU C 191 37.98 6.59 57.43
C GLU C 191 39.26 7.36 57.71
N ARG C 192 40.04 7.63 56.67
CA ARG C 192 41.31 8.33 56.82
C ARG C 192 41.18 9.85 56.83
N HIS C 193 40.03 10.36 56.41
CA HIS C 193 39.83 11.80 56.38
C HIS C 193 38.60 12.18 57.16
N ASN C 194 38.52 13.44 57.59
CA ASN C 194 37.40 13.89 58.38
C ASN C 194 36.43 14.88 57.72
N SER C 195 36.96 15.89 57.03
CA SER C 195 36.10 16.88 56.42
C SER C 195 35.85 16.63 54.94
N TYR C 196 34.59 16.73 54.55
CA TYR C 196 34.17 16.54 53.17
C TYR C 196 33.36 17.75 52.73
N THR C 197 33.73 18.33 51.58
CA THR C 197 33.02 19.49 51.12
C THR C 197 32.60 19.45 49.67
N CYS C 198 31.38 19.90 49.45
CA CYS C 198 30.79 19.99 48.12
C CYS C 198 30.76 21.49 47.76
N GLU C 199 31.35 21.86 46.64
CA GLU C 199 31.37 23.27 46.23
C GLU C 199 30.76 23.53 44.88
N ALA C 200 29.80 24.44 44.83
CA ALA C 200 29.13 24.81 43.59
C ALA C 200 29.58 26.21 43.18
N THR C 201 30.25 26.29 42.04
CA THR C 201 30.71 27.57 41.52
C THR C 201 30.00 27.78 40.18
N HIS C 202 29.32 28.90 40.07
CA HIS C 202 28.55 29.21 38.86
C HIS C 202 29.26 30.24 38.00
N LYS C 203 28.49 31.22 37.55
CA LYS C 203 28.96 32.32 36.74
C LYS C 203 28.12 33.54 37.14
N THR C 204 26.90 33.26 37.58
CA THR C 204 25.95 34.28 38.02
C THR C 204 26.29 34.68 39.45
N SER C 205 27.47 34.27 39.88
CA SER C 205 27.98 34.55 41.21
C SER C 205 29.24 33.70 41.36
N THR C 206 30.39 34.28 41.00
CA THR C 206 31.65 33.56 41.08
C THR C 206 32.10 33.40 42.54
N SER C 207 31.12 33.51 43.43
CA SER C 207 31.30 33.31 44.87
C SER C 207 30.57 31.99 45.07
N PRO C 208 31.32 30.93 45.40
CA PRO C 208 30.80 29.56 45.62
C PRO C 208 29.82 29.39 46.76
N ILE C 209 28.97 28.38 46.62
CA ILE C 209 28.03 28.03 47.68
C ILE C 209 28.62 26.71 48.15
N VAL C 210 28.89 26.58 49.44
CA VAL C 210 29.50 25.36 49.94
C VAL C 210 28.64 24.63 50.95
N LYS C 211 28.93 23.34 51.13
CA LYS C 211 28.24 22.51 52.08
C LYS C 211 29.21 21.41 52.48
N SER C 212 29.31 21.11 53.76
CA SER C 212 30.22 20.07 54.17
C SER C 212 29.82 19.46 55.47
N PHE C 213 30.47 18.35 55.80
CA PHE C 213 30.22 17.66 57.07
C PHE C 213 31.55 17.09 57.54
N ASN C 214 31.58 16.69 58.80
CA ASN C 214 32.75 16.10 59.42
C ASN C 214 32.37 14.69 59.77
N ARG C 215 33.23 13.74 59.43
CA ARG C 215 32.97 12.33 59.74
C ARG C 215 32.83 12.11 61.25
N ASN C 216 33.59 12.88 62.03
CA ASN C 216 33.62 12.77 63.49
C ASN C 216 32.47 13.38 64.31
N GLU C 217 31.82 14.41 63.78
CA GLU C 217 30.73 15.07 64.51
C GLU C 217 29.61 15.54 63.60
N GLU D 1 -10.89 6.47 23.56
CA GLU D 1 -9.58 7.01 23.09
C GLU D 1 -8.70 5.90 22.52
N VAL D 2 -7.84 6.26 21.58
CA VAL D 2 -6.94 5.31 20.96
C VAL D 2 -5.86 4.96 21.98
N HIS D 3 -5.61 3.66 22.14
CA HIS D 3 -4.60 3.20 23.07
C HIS D 3 -3.73 2.11 22.47
N LEU D 4 -2.44 2.21 22.75
CA LEU D 4 -1.49 1.22 22.28
C LEU D 4 -0.63 0.91 23.49
N VAL D 5 -0.73 -0.33 23.96
CA VAL D 5 0.07 -0.73 25.12
C VAL D 5 1.11 -1.75 24.67
N GLU D 6 2.36 -1.48 25.01
CA GLU D 6 3.46 -2.37 24.63
C GLU D 6 3.93 -3.18 25.82
N SER D 7 4.61 -4.29 25.52
CA SER D 7 5.16 -5.17 26.53
C SER D 7 6.17 -6.07 25.82
N GLY D 8 7.01 -6.75 26.59
CA GLY D 8 7.99 -7.63 25.99
C GLY D 8 9.42 -7.14 26.03
N GLY D 9 9.62 -5.88 26.42
CA GLY D 9 10.96 -5.33 26.49
C GLY D 9 11.85 -6.08 27.47
N ASP D 10 13.18 -6.07 27.26
CA ASP D 10 14.11 -6.78 28.13
C ASP D 10 15.57 -6.76 27.66
N LEU D 11 16.44 -7.35 28.48
CA LEU D 11 17.87 -7.47 28.17
C LEU D 11 18.04 -8.83 27.47
N VAL D 12 18.76 -8.85 26.35
CA VAL D 12 18.97 -10.08 25.59
C VAL D 12 20.41 -10.10 25.13
N LYS D 13 20.98 -11.30 24.99
CA LYS D 13 22.37 -11.42 24.56
C LYS D 13 22.50 -11.14 23.06
N PRO D 14 23.66 -10.62 22.65
CA PRO D 14 23.84 -10.34 21.24
C PRO D 14 23.63 -11.67 20.49
N GLY D 15 22.89 -11.60 19.39
CA GLY D 15 22.64 -12.80 18.63
C GLY D 15 21.34 -13.45 19.03
N GLY D 16 20.81 -13.04 20.17
CA GLY D 16 19.56 -13.61 20.62
C GLY D 16 18.36 -13.00 19.91
N SER D 17 17.17 -13.39 20.34
CA SER D 17 15.94 -12.91 19.74
C SER D 17 15.01 -12.36 20.83
N LEU D 18 14.00 -11.61 20.42
CA LEU D 18 13.06 -11.00 21.34
C LEU D 18 11.79 -10.54 20.60
N LYS D 19 10.65 -10.87 21.19
CA LYS D 19 9.34 -10.56 20.63
C LYS D 19 8.69 -9.41 21.41
N LEU D 20 8.34 -8.35 20.70
CA LEU D 20 7.68 -7.21 21.33
C LEU D 20 6.24 -7.24 20.85
N SER D 21 5.33 -6.83 21.72
CA SER D 21 3.92 -6.81 21.37
C SER D 21 3.30 -5.46 21.69
N CYS D 22 2.26 -5.10 20.93
CA CYS D 22 1.55 -3.84 21.12
C CYS D 22 0.05 -4.15 20.99
N ALA D 23 -0.70 -3.95 22.08
CA ALA D 23 -2.14 -4.22 22.08
C ALA D 23 -2.96 -2.98 21.78
N ALA D 24 -3.66 -2.99 20.65
CA ALA D 24 -4.47 -1.84 20.24
C ALA D 24 -5.87 -1.84 20.84
N SER D 25 -6.40 -0.64 21.10
CA SER D 25 -7.75 -0.49 21.66
C SER D 25 -8.30 0.89 21.34
N GLY D 26 -9.58 0.95 20.98
CA GLY D 26 -10.18 2.24 20.67
C GLY D 26 -10.34 2.61 19.21
N PHE D 27 -10.24 1.62 18.31
CA PHE D 27 -10.40 1.88 16.88
C PHE D 27 -10.43 0.58 16.10
N THR D 28 -10.77 0.67 14.83
CA THR D 28 -10.81 -0.54 14.02
C THR D 28 -9.41 -0.87 13.51
N PHE D 29 -8.71 -1.65 14.31
CA PHE D 29 -7.35 -2.07 14.03
C PHE D 29 -7.07 -2.38 12.56
N SER D 30 -7.90 -3.24 11.97
CA SER D 30 -7.74 -3.66 10.58
C SER D 30 -7.95 -2.56 9.54
N HIS D 31 -8.28 -1.36 9.98
CA HIS D 31 -8.49 -0.25 9.06
C HIS D 31 -7.29 0.70 9.07
N TYR D 32 -6.23 0.33 9.78
CA TYR D 32 -5.05 1.18 9.85
C TYR D 32 -3.72 0.46 9.77
N GLY D 33 -2.79 1.05 9.01
CA GLY D 33 -1.45 0.48 8.91
C GLY D 33 -0.73 0.78 10.20
N MET D 34 0.33 0.04 10.51
CA MET D 34 1.05 0.27 11.76
C MET D 34 2.57 0.29 11.55
N SER D 35 3.28 0.90 12.49
CA SER D 35 4.73 0.98 12.44
C SER D 35 5.40 0.83 13.81
N TRP D 36 6.69 0.55 13.79
CA TRP D 36 7.52 0.48 15.00
C TRP D 36 8.61 1.49 14.68
N VAL D 37 8.97 2.28 15.69
CA VAL D 37 9.99 3.31 15.62
C VAL D 37 10.84 3.09 16.86
N ARG D 38 12.14 3.33 16.76
CA ARG D 38 13.02 3.12 17.88
C ARG D 38 13.72 4.43 18.19
N GLN D 39 14.23 4.55 19.41
CA GLN D 39 14.94 5.76 19.81
C GLN D 39 16.17 5.31 20.60
N THR D 40 17.33 5.49 19.99
CA THR D 40 18.58 5.12 20.62
C THR D 40 18.94 6.06 21.75
N PRO D 41 19.79 5.61 22.67
CA PRO D 41 20.19 6.44 23.80
C PRO D 41 20.55 7.87 23.43
N ASP D 42 21.04 8.06 22.20
CA ASP D 42 21.40 9.39 21.70
C ASP D 42 20.14 10.23 21.44
N LYS D 43 19.00 9.72 21.89
CA LYS D 43 17.70 10.39 21.74
C LYS D 43 17.17 10.51 20.32
N ARG D 44 17.91 10.03 19.32
CA ARG D 44 17.45 10.13 17.95
C ARG D 44 16.36 9.09 17.63
N LEU D 45 15.40 9.49 16.79
CA LEU D 45 14.32 8.60 16.39
C LEU D 45 14.65 7.89 15.08
N GLU D 46 14.36 6.59 15.02
CA GLU D 46 14.64 5.79 13.83
C GLU D 46 13.51 4.83 13.48
N TRP D 47 12.92 5.05 12.30
CA TRP D 47 11.85 4.19 11.84
C TRP D 47 12.39 2.76 11.71
N VAL D 48 11.59 1.79 12.14
CA VAL D 48 12.05 0.41 12.09
C VAL D 48 11.26 -0.51 11.18
N ALA D 49 9.98 -0.21 10.98
CA ALA D 49 9.15 -1.08 10.16
C ALA D 49 7.71 -0.63 10.09
N THR D 50 6.99 -1.08 9.08
CA THR D 50 5.57 -0.78 8.98
C THR D 50 4.90 -1.94 8.26
N ILE D 51 3.59 -2.05 8.45
CA ILE D 51 2.81 -3.10 7.84
C ILE D 51 1.46 -2.52 7.40
N GLY D 52 0.94 -3.01 6.29
CA GLY D 52 -0.35 -2.53 5.81
C GLY D 52 -1.47 -2.88 6.78
N SER D 53 -2.62 -2.24 6.61
CA SER D 53 -3.76 -2.50 7.47
C SER D 53 -4.23 -3.94 7.29
N ARG D 54 -4.16 -4.43 6.06
CA ARG D 54 -4.57 -5.79 5.76
C ARG D 54 -3.41 -6.70 6.08
N GLY D 55 -2.20 -6.18 5.89
CA GLY D 55 -1.01 -6.95 6.16
C GLY D 55 -0.47 -7.50 4.85
N THR D 56 -1.03 -7.01 3.75
CA THR D 56 -0.62 -7.44 2.40
C THR D 56 0.78 -6.97 2.03
N TYR D 57 1.39 -6.13 2.87
CA TYR D 57 2.73 -5.61 2.59
C TYR D 57 3.42 -5.13 3.85
N THR D 58 4.75 -5.11 3.80
CA THR D 58 5.58 -4.69 4.92
C THR D 58 6.97 -4.35 4.43
N HIS D 59 7.54 -3.24 4.91
CA HIS D 59 8.89 -2.94 4.51
C HIS D 59 9.75 -2.44 5.68
N TYR D 60 11.06 -2.49 5.50
CA TYR D 60 12.00 -2.09 6.54
C TYR D 60 13.20 -1.33 6.02
N PRO D 61 13.93 -0.66 6.93
CA PRO D 61 15.13 0.10 6.54
C PRO D 61 16.27 -0.91 6.47
N ASP D 62 17.34 -0.59 5.76
CA ASP D 62 18.46 -1.51 5.62
C ASP D 62 19.05 -2.01 6.95
N SER D 63 19.04 -1.13 7.94
CA SER D 63 19.59 -1.47 9.25
C SER D 63 19.00 -2.73 9.92
N VAL D 64 17.75 -3.07 9.61
CA VAL D 64 17.15 -4.24 10.22
C VAL D 64 16.56 -5.23 9.21
N LYS D 65 16.61 -4.87 7.94
CA LYS D 65 16.07 -5.75 6.90
C LYS D 65 16.69 -7.15 7.04
N GLY D 66 15.83 -8.16 7.10
CA GLY D 66 16.31 -9.52 7.22
C GLY D 66 16.46 -10.04 8.63
N ARG D 67 16.43 -9.15 9.63
CA ARG D 67 16.58 -9.55 11.03
C ARG D 67 15.30 -9.33 11.85
N PHE D 68 14.55 -8.30 11.49
CA PHE D 68 13.31 -7.93 12.16
C PHE D 68 12.10 -8.25 11.29
N THR D 69 11.01 -8.69 11.92
CA THR D 69 9.78 -9.03 11.19
C THR D 69 8.55 -8.45 11.89
N ILE D 70 7.73 -7.71 11.14
CA ILE D 70 6.52 -7.10 11.69
C ILE D 70 5.33 -8.00 11.41
N SER D 71 4.49 -8.20 12.41
CA SER D 71 3.31 -9.02 12.22
C SER D 71 2.16 -8.36 12.96
N ARG D 72 0.95 -8.80 12.65
CA ARG D 72 -0.23 -8.24 13.29
C ARG D 72 -1.30 -9.30 13.27
N ASP D 73 -2.14 -9.28 14.29
CA ASP D 73 -3.25 -10.22 14.39
C ASP D 73 -4.48 -9.36 14.61
N ASN D 74 -5.15 -9.01 13.52
CA ASN D 74 -6.34 -8.18 13.56
C ASN D 74 -7.46 -8.84 14.37
N ASP D 75 -7.40 -10.16 14.49
CA ASP D 75 -8.40 -10.90 15.25
C ASP D 75 -8.22 -10.62 16.74
N LYS D 76 -6.98 -10.39 17.16
CA LYS D 76 -6.68 -10.10 18.56
C LYS D 76 -6.22 -8.66 18.75
N ASN D 77 -6.37 -7.86 17.70
CA ASN D 77 -5.95 -6.46 17.74
C ASN D 77 -4.55 -6.28 18.32
N ALA D 78 -3.59 -7.03 17.79
CA ALA D 78 -2.22 -6.96 18.27
C ALA D 78 -1.21 -6.77 17.14
N LEU D 79 -0.17 -5.99 17.43
CA LEU D 79 0.93 -5.75 16.50
C LEU D 79 2.16 -6.37 17.12
N TYR D 80 2.99 -6.99 16.30
CA TYR D 80 4.19 -7.62 16.83
C TYR D 80 5.46 -7.15 16.14
N LEU D 81 6.58 -7.44 16.79
CA LEU D 81 7.88 -7.10 16.26
C LEU D 81 8.89 -8.14 16.74
N GLN D 82 9.20 -9.10 15.86
CA GLN D 82 10.17 -10.17 16.13
C GLN D 82 11.56 -9.69 15.72
N MET D 83 12.45 -9.64 16.69
CA MET D 83 13.81 -9.24 16.45
C MET D 83 14.70 -10.47 16.59
N ASN D 84 15.54 -10.72 15.60
CA ASN D 84 16.45 -11.86 15.65
C ASN D 84 17.83 -11.31 15.34
N SER D 85 18.86 -12.09 15.59
CA SER D 85 20.23 -11.70 15.32
C SER D 85 20.47 -10.31 15.86
N LEU D 86 20.04 -10.08 17.10
CA LEU D 86 20.18 -8.77 17.73
C LEU D 86 21.63 -8.37 17.92
N LYS D 87 21.88 -7.06 17.93
CA LYS D 87 23.23 -6.51 18.10
C LYS D 87 23.18 -5.41 19.17
N SER D 88 24.33 -5.09 19.77
CA SER D 88 24.40 -4.03 20.79
C SER D 88 23.78 -2.73 20.25
N GLU D 89 23.95 -2.54 18.95
CA GLU D 89 23.45 -1.39 18.23
C GLU D 89 21.92 -1.31 18.23
N ASP D 90 21.25 -2.42 18.53
CA ASP D 90 19.79 -2.43 18.55
C ASP D 90 19.18 -1.99 19.88
N THR D 91 20.03 -1.76 20.90
CA THR D 91 19.50 -1.36 22.20
C THR D 91 18.85 0.01 22.05
N ALA D 92 17.59 0.11 22.44
CA ALA D 92 16.89 1.37 22.33
C ALA D 92 15.50 1.23 22.94
N MET D 93 14.75 2.32 22.90
CA MET D 93 13.37 2.31 23.39
C MET D 93 12.56 2.16 22.11
N TYR D 94 11.72 1.13 22.06
CA TYR D 94 10.89 0.87 20.91
C TYR D 94 9.43 1.26 21.09
N TYR D 95 8.89 1.97 20.11
CA TYR D 95 7.49 2.42 20.12
C TYR D 95 6.69 1.94 18.94
N CYS D 96 5.43 1.59 19.15
CA CYS D 96 4.56 1.22 18.05
C CYS D 96 3.77 2.48 17.82
N ALA D 97 3.24 2.64 16.61
CA ALA D 97 2.47 3.82 16.27
C ALA D 97 1.49 3.50 15.15
N ARG D 98 0.35 4.19 15.17
CA ARG D 98 -0.67 3.99 14.16
C ARG D 98 -0.51 5.01 13.05
N ARG D 99 -0.82 4.60 11.83
CA ARG D 99 -0.74 5.45 10.66
C ARG D 99 -2.16 5.90 10.34
N SER D 100 -2.34 7.19 10.07
CA SER D 100 -3.66 7.74 9.77
C SER D 100 -3.92 7.93 8.29
N ALA D 113 -0.11 9.16 9.68
CA ALA D 113 0.85 10.21 9.99
C ALA D 113 1.51 9.92 11.35
N MET D 114 1.05 8.86 12.00
CA MET D 114 1.52 8.43 13.32
C MET D 114 1.02 9.38 14.39
N ASP D 115 -0.30 9.31 14.61
CA ASP D 115 -0.94 10.16 15.59
C ASP D 115 -0.94 9.58 16.99
N TYR D 116 -0.80 8.27 17.13
CA TYR D 116 -0.79 7.68 18.47
C TYR D 116 0.34 6.69 18.67
N TRP D 117 1.03 6.84 19.80
CA TRP D 117 2.16 6.01 20.14
C TRP D 117 1.98 5.22 21.43
N GLY D 118 2.78 4.16 21.59
CA GLY D 118 2.74 3.36 22.79
C GLY D 118 3.65 4.03 23.79
N GLN D 119 3.68 3.52 25.01
CA GLN D 119 4.51 4.13 26.03
C GLN D 119 5.99 3.78 25.84
N GLY D 120 6.25 2.81 24.97
CA GLY D 120 7.62 2.41 24.67
C GLY D 120 8.19 1.29 25.51
N ALA D 121 8.90 0.38 24.84
CA ALA D 121 9.51 -0.76 25.52
C ALA D 121 11.02 -0.64 25.43
N SER D 122 11.70 -0.88 26.54
CA SER D 122 13.13 -0.78 26.56
C SER D 122 13.78 -2.11 26.20
N VAL D 123 14.72 -2.04 25.25
CA VAL D 123 15.43 -3.23 24.84
C VAL D 123 16.92 -2.98 24.92
N THR D 124 17.62 -3.89 25.56
CA THR D 124 19.06 -3.77 25.71
C THR D 124 19.72 -5.04 25.25
N VAL D 125 20.61 -4.92 24.25
CA VAL D 125 21.33 -6.07 23.75
C VAL D 125 22.78 -5.99 24.26
N SER D 126 23.13 -6.88 25.19
CA SER D 126 24.48 -6.92 25.73
C SER D 126 24.76 -8.25 26.41
N SER D 127 26.05 -8.56 26.54
CA SER D 127 26.49 -9.80 27.17
C SER D 127 26.49 -9.66 28.68
N ALA D 128 26.47 -8.42 29.16
CA ALA D 128 26.44 -8.20 30.59
C ALA D 128 25.18 -8.85 31.19
N LYS D 129 25.31 -9.41 32.38
CA LYS D 129 24.17 -10.05 33.04
C LYS D 129 23.44 -9.08 33.95
N THR D 130 22.23 -9.46 34.36
CA THR D 130 21.41 -8.63 35.24
C THR D 130 22.07 -8.45 36.60
N THR D 131 22.06 -7.23 37.12
CA THR D 131 22.63 -6.94 38.42
C THR D 131 21.66 -6.04 39.16
N PRO D 132 21.06 -6.54 40.26
CA PRO D 132 20.11 -5.75 41.03
C PRO D 132 20.82 -4.56 41.69
N PRO D 133 20.05 -3.52 42.06
CA PRO D 133 20.68 -2.37 42.69
C PRO D 133 20.89 -2.48 44.20
N SER D 134 21.75 -1.59 44.71
CA SER D 134 22.04 -1.47 46.13
C SER D 134 21.36 -0.14 46.41
N VAL D 135 20.46 -0.10 47.37
CA VAL D 135 19.79 1.14 47.67
C VAL D 135 20.21 1.67 49.03
N TYR D 136 20.79 2.86 49.04
CA TYR D 136 21.23 3.46 50.27
C TYR D 136 20.45 4.73 50.54
N PRO D 137 20.02 4.92 51.80
CA PRO D 137 19.27 6.12 52.16
C PRO D 137 20.22 7.29 52.31
N LEU D 138 19.77 8.47 51.92
CA LEU D 138 20.55 9.68 52.03
C LEU D 138 19.88 10.59 53.05
N ALA D 139 20.48 10.66 54.23
CA ALA D 139 19.96 11.50 55.32
C ALA D 139 20.95 12.64 55.53
N PRO D 140 20.45 13.86 55.75
CA PRO D 140 21.31 15.03 55.97
C PRO D 140 22.40 14.84 57.02
N SER D 148 13.59 25.58 57.62
CA SER D 148 12.47 25.82 56.71
C SER D 148 12.01 24.50 56.08
N MET D 149 12.85 23.94 55.20
CA MET D 149 12.54 22.67 54.54
C MET D 149 13.72 21.72 54.62
N VAL D 150 13.51 20.48 54.24
CA VAL D 150 14.58 19.50 54.28
C VAL D 150 14.61 18.62 53.04
N THR D 151 15.82 18.25 52.63
CA THR D 151 16.00 17.42 51.46
C THR D 151 16.60 16.09 51.85
N LEU D 152 15.97 15.02 51.40
CA LEU D 152 16.44 13.68 51.70
C LEU D 152 16.69 13.08 50.34
N GLY D 153 17.24 11.88 50.29
CA GLY D 153 17.48 11.25 49.01
C GLY D 153 17.78 9.78 49.11
N CYS D 154 17.87 9.13 47.95
CA CYS D 154 18.17 7.73 47.87
C CYS D 154 19.23 7.49 46.82
N LEU D 155 20.17 6.59 47.11
CA LEU D 155 21.22 6.28 46.18
C LEU D 155 20.94 4.87 45.67
N VAL D 156 20.78 4.75 44.37
CA VAL D 156 20.49 3.50 43.70
C VAL D 156 21.75 3.18 42.91
N LYS D 157 22.62 2.38 43.51
CA LYS D 157 23.92 2.08 42.93
C LYS D 157 24.24 0.69 42.40
N GLY D 158 24.97 0.66 41.28
CA GLY D 158 25.41 -0.57 40.67
C GLY D 158 24.38 -1.52 40.11
N TYR D 159 23.60 -1.09 39.14
CA TYR D 159 22.61 -2.01 38.61
C TYR D 159 22.70 -2.16 37.11
N PHE D 160 21.97 -3.16 36.61
CA PHE D 160 21.96 -3.44 35.17
C PHE D 160 20.89 -4.46 34.83
N PRO D 161 20.11 -4.19 33.75
CA PRO D 161 20.26 -3.01 32.91
C PRO D 161 19.30 -1.91 33.37
N GLU D 162 19.15 -0.88 32.54
CA GLU D 162 18.21 0.19 32.84
C GLU D 162 16.88 -0.45 32.45
N PRO D 163 15.77 0.06 32.99
CA PRO D 163 15.79 1.18 33.91
C PRO D 163 15.34 0.77 35.30
N VAL D 164 15.19 1.77 36.15
CA VAL D 164 14.69 1.55 37.49
C VAL D 164 13.69 2.69 37.62
N THR D 165 12.78 2.57 38.58
CA THR D 165 11.82 3.63 38.81
C THR D 165 11.95 3.90 40.27
N VAL D 166 11.74 5.13 40.68
CA VAL D 166 11.86 5.48 42.07
C VAL D 166 10.60 6.19 42.51
N THR D 167 10.16 5.88 43.72
CA THR D 167 8.97 6.47 44.28
C THR D 167 9.24 6.80 45.75
N TRP D 168 8.61 7.86 46.24
CA TRP D 168 8.78 8.24 47.62
C TRP D 168 7.46 8.09 48.36
N ASN D 169 7.47 7.26 49.39
CA ASN D 169 6.28 6.99 50.18
C ASN D 169 5.17 6.41 49.32
N SER D 170 5.54 5.37 48.56
CA SER D 170 4.61 4.66 47.68
C SER D 170 3.96 5.50 46.61
N GLY D 171 4.45 6.73 46.43
CA GLY D 171 3.89 7.59 45.42
C GLY D 171 3.16 8.77 46.03
N SER D 172 2.97 8.72 47.34
CA SER D 172 2.29 9.79 48.05
C SER D 172 3.07 11.07 47.80
N LEU D 173 4.36 11.05 48.14
CA LEU D 173 5.22 12.20 47.90
C LEU D 173 5.47 12.21 46.40
N SER D 174 4.87 13.19 45.74
CA SER D 174 5.00 13.31 44.30
C SER D 174 5.64 14.63 43.87
N SER D 175 5.55 15.64 44.71
CA SER D 175 6.15 16.94 44.39
C SER D 175 7.41 17.20 45.21
N GLY D 176 8.29 18.05 44.70
CA GLY D 176 9.53 18.35 45.38
C GLY D 176 10.49 17.21 45.18
N VAL D 177 10.25 16.44 44.14
CA VAL D 177 11.06 15.29 43.81
C VAL D 177 11.91 15.54 42.58
N HIS D 178 13.14 15.02 42.62
CA HIS D 178 14.08 15.12 41.51
C HIS D 178 14.78 13.77 41.37
N THR D 179 14.55 13.08 40.26
CA THR D 179 15.20 11.81 40.01
C THR D 179 16.16 12.05 38.84
N PHE D 180 17.45 11.85 39.09
CA PHE D 180 18.47 12.09 38.09
C PHE D 180 18.71 10.95 37.13
N PRO D 181 19.00 11.28 35.88
CA PRO D 181 19.25 10.27 34.85
C PRO D 181 20.38 9.34 35.29
N ALA D 182 20.25 8.05 35.01
CA ALA D 182 21.27 7.10 35.38
C ALA D 182 22.55 7.40 34.62
N VAL D 183 23.68 7.09 35.24
CA VAL D 183 24.97 7.32 34.62
C VAL D 183 25.75 6.02 34.73
N LEU D 184 26.47 5.69 33.67
CA LEU D 184 27.27 4.46 33.63
C LEU D 184 28.56 4.61 34.43
N GLN D 185 28.75 3.74 35.40
CA GLN D 185 29.93 3.74 36.26
C GLN D 185 30.59 2.37 36.22
N SER D 186 31.38 2.14 35.17
CA SER D 186 32.09 0.87 35.00
C SER D 186 31.11 -0.27 34.73
N ASP D 187 30.53 -0.25 33.54
CA ASP D 187 29.58 -1.29 33.13
C ASP D 187 28.31 -1.33 33.97
N LEU D 188 28.24 -0.53 35.04
CA LEU D 188 27.04 -0.50 35.87
C LEU D 188 26.42 0.90 35.98
N TYR D 189 25.11 0.94 36.14
CA TYR D 189 24.39 2.20 36.26
C TYR D 189 24.14 2.58 37.71
N THR D 190 24.09 3.89 37.94
CA THR D 190 23.80 4.43 39.25
C THR D 190 23.05 5.72 39.07
N LEU D 191 22.10 5.96 39.95
CA LEU D 191 21.35 7.19 39.92
C LEU D 191 20.93 7.45 41.34
N SER D 192 20.38 8.62 41.56
CA SER D 192 19.94 8.97 42.89
C SER D 192 18.65 9.74 42.72
N SER D 193 17.99 9.99 43.83
CA SER D 193 16.74 10.71 43.80
C SER D 193 16.64 11.51 45.06
N SER D 194 16.09 12.71 44.95
CA SER D 194 15.94 13.55 46.11
C SER D 194 14.50 14.00 46.25
N VAL D 195 14.11 14.25 47.49
CA VAL D 195 12.79 14.73 47.76
C VAL D 195 12.96 15.79 48.83
N THR D 196 12.24 16.89 48.66
CA THR D 196 12.29 18.01 49.59
C THR D 196 10.95 18.11 50.31
N VAL D 197 11.01 18.26 51.63
CA VAL D 197 9.81 18.38 52.42
C VAL D 197 9.94 19.40 53.55
N PRO D 198 8.80 19.85 54.09
CA PRO D 198 8.84 20.83 55.16
C PRO D 198 9.36 20.18 56.44
N SER D 199 10.15 20.93 57.19
CA SER D 199 10.71 20.43 58.45
C SER D 199 9.66 19.69 59.27
N SER D 200 8.44 20.21 59.23
CA SER D 200 7.31 19.63 59.94
C SER D 200 7.16 18.13 59.68
N THR D 201 7.41 17.73 58.43
CA THR D 201 7.26 16.34 58.02
C THR D 201 8.34 15.35 58.46
N TRP D 202 9.60 15.77 58.37
CA TRP D 202 10.70 14.88 58.71
C TRP D 202 11.60 15.58 59.70
N PRO D 203 12.14 14.84 60.66
CA PRO D 203 11.97 13.40 60.88
C PRO D 203 10.70 12.99 61.63
N SER D 204 9.84 13.95 61.93
CA SER D 204 8.59 13.64 62.63
C SER D 204 7.99 12.35 62.06
N GLU D 205 7.63 12.37 60.79
CA GLU D 205 7.07 11.21 60.12
C GLU D 205 8.19 10.37 59.52
N THR D 206 7.84 9.23 58.94
CA THR D 206 8.83 8.35 58.32
C THR D 206 8.78 8.57 56.82
N VAL D 207 9.96 8.65 56.21
CA VAL D 207 10.06 8.86 54.77
C VAL D 207 10.83 7.70 54.17
N THR D 208 10.25 7.08 53.15
CA THR D 208 10.89 5.94 52.51
C THR D 208 10.77 6.01 50.99
N CYS D 209 11.85 5.64 50.31
CA CYS D 209 11.85 5.66 48.85
C CYS D 209 11.69 4.24 48.38
N ASN D 210 10.93 4.08 47.29
CA ASN D 210 10.65 2.77 46.72
C ASN D 210 11.39 2.58 45.41
N VAL D 211 12.30 1.63 45.39
CA VAL D 211 13.09 1.37 44.21
C VAL D 211 12.67 0.06 43.57
N ALA D 212 12.53 0.06 42.24
CA ALA D 212 12.15 -1.15 41.53
C ALA D 212 13.03 -1.33 40.31
N HIS D 213 13.55 -2.56 40.15
CA HIS D 213 14.40 -2.92 39.02
C HIS D 213 13.79 -4.17 38.40
N PRO D 214 12.83 -3.98 37.48
CA PRO D 214 12.13 -5.08 36.78
C PRO D 214 13.01 -6.20 36.25
N ALA D 215 14.09 -5.85 35.56
CA ALA D 215 15.01 -6.84 35.01
C ALA D 215 15.45 -7.90 36.02
N SER D 216 15.62 -7.50 37.28
CA SER D 216 16.04 -8.42 38.34
C SER D 216 14.91 -8.68 39.32
N SER D 217 13.70 -8.30 38.95
CA SER D 217 12.53 -8.49 39.79
C SER D 217 12.69 -7.85 41.17
N THR D 218 13.76 -7.07 41.33
CA THR D 218 14.05 -6.40 42.60
C THR D 218 13.00 -5.37 42.97
N LYS D 219 12.77 -5.23 44.27
CA LYS D 219 11.82 -4.28 44.81
C LYS D 219 12.22 -4.04 46.25
N VAL D 220 12.66 -2.83 46.56
CA VAL D 220 13.07 -2.54 47.91
C VAL D 220 12.56 -1.20 48.39
N ASP D 221 12.43 -1.10 49.70
CA ASP D 221 11.96 0.11 50.34
C ASP D 221 13.01 0.45 51.38
N LYS D 222 13.54 1.65 51.29
CA LYS D 222 14.57 2.07 52.22
C LYS D 222 14.05 3.27 53.00
N LYS D 223 14.05 3.17 54.32
CA LYS D 223 13.60 4.26 55.16
C LYS D 223 14.72 5.27 55.40
N ILE D 224 14.36 6.55 55.41
CA ILE D 224 15.35 7.60 55.65
C ILE D 224 15.35 7.95 57.12
N VAL D 225 16.31 7.38 57.84
CA VAL D 225 16.44 7.58 59.27
C VAL D 225 17.63 8.47 59.57
N PRO D 226 17.45 9.44 60.48
CA PRO D 226 18.55 10.33 60.86
C PRO D 226 19.65 9.54 61.56
N ARG D 227 20.88 10.06 61.52
CA ARG D 227 22.02 9.37 62.11
C ARG D 227 22.29 9.85 63.55
N ASP D 228 22.71 8.92 64.41
CA ASP D 228 23.00 9.21 65.82
C ASP D 228 21.74 9.29 66.69
#